data_4PAV
#
_entry.id   4PAV
#
_cell.length_a   96.650
_cell.length_b   96.650
_cell.length_c   204.120
_cell.angle_alpha   90.00
_cell.angle_beta   90.00
_cell.angle_gamma   120.00
#
_symmetry.space_group_name_H-M   'P 32 2 1'
#
loop_
_entity.id
_entity.type
_entity.pdbx_description
1 polymer 'Glyoxalase family protein'
2 water water
#
_entity_poly.entity_id   1
_entity_poly.type   'polypeptide(L)'
_entity_poly.pdbx_seq_one_letter_code
;GSSHHHHHHSSGRENLYFQG(MSE)IQS(MSE)WFNLHVQDLEKSAQFYKALGFKINRNPQ(MSE)LDK(MSE)VGIQIG
QTTVILIENKHFQNVSQQSLNTEPNEV(MSE)ISLGVNTNEEVDQLVNKVKEAGGAVVQEPTVSQGFYGA(MSE)FKDLD
GHHFNFLVC
;
_entity_poly.pdbx_strand_id   A,B,C,D,E,F
#
# COMPACT_ATOMS: atom_id res chain seq x y z
N ASN A 15 2.15 26.73 -2.51
CA ASN A 15 1.73 28.07 -2.93
C ASN A 15 0.40 28.02 -3.70
N LEU A 16 -0.56 28.89 -3.29
CA LEU A 16 -1.91 29.00 -3.86
C LEU A 16 -1.96 29.03 -5.39
N TYR A 17 -1.10 29.85 -6.04
CA TYR A 17 -1.06 29.97 -7.49
C TYR A 17 -0.62 28.69 -8.17
N PHE A 18 0.37 28.00 -7.58
CA PHE A 18 0.97 26.76 -8.09
C PHE A 18 0.10 25.53 -7.82
N GLN A 19 -0.33 25.34 -6.56
CA GLN A 19 -1.22 24.26 -6.13
C GLN A 19 -2.64 24.43 -6.72
N GLY A 20 -3.10 25.67 -6.80
CA GLY A 20 -4.44 25.96 -7.29
C GLY A 20 -5.48 25.87 -6.18
N ILE A 22 -8.30 23.73 -6.18
CA ILE A 22 -8.82 22.38 -5.95
C ILE A 22 -7.73 21.63 -5.23
N GLN A 23 -8.02 21.21 -3.97
CA GLN A 23 -7.08 20.52 -3.10
C GLN A 23 -7.06 19.03 -3.25
N SER A 24 -8.22 18.42 -3.51
CA SER A 24 -8.34 16.95 -3.52
C SER A 24 -9.46 16.53 -4.45
N TRP A 26 -11.96 12.85 -5.04
CA TRP A 26 -12.37 11.50 -4.64
C TRP A 26 -13.69 11.12 -5.32
N PHE A 27 -14.01 9.85 -5.31
CA PHE A 27 -15.14 9.26 -5.99
C PHE A 27 -16.20 8.74 -5.06
N ASN A 28 -17.45 8.85 -5.49
CA ASN A 28 -18.65 8.38 -4.80
C ASN A 28 -19.42 7.48 -5.77
N LEU A 29 -19.80 6.29 -5.30
CA LEU A 29 -20.57 5.31 -6.07
C LEU A 29 -21.83 4.97 -5.32
N HIS A 30 -22.93 4.73 -6.03
CA HIS A 30 -24.17 4.34 -5.37
C HIS A 30 -24.22 2.83 -5.20
N VAL A 31 -24.77 2.38 -4.08
CA VAL A 31 -24.94 0.95 -3.77
C VAL A 31 -26.33 0.76 -3.18
N GLN A 32 -26.97 -0.37 -3.47
CA GLN A 32 -28.29 -0.63 -2.93
C GLN A 32 -28.23 -1.00 -1.45
N ASP A 33 -27.24 -1.84 -1.07
CA ASP A 33 -27.07 -2.32 0.30
C ASP A 33 -25.62 -2.12 0.73
N LEU A 34 -25.40 -1.20 1.68
CA LEU A 34 -24.08 -0.85 2.20
C LEU A 34 -23.32 -2.01 2.81
N GLU A 35 -24.00 -2.83 3.66
CA GLU A 35 -23.41 -3.97 4.33
C GLU A 35 -22.99 -5.09 3.37
N LYS A 36 -23.84 -5.36 2.35
CA LYS A 36 -23.54 -6.37 1.33
C LYS A 36 -22.36 -5.93 0.48
N SER A 37 -22.30 -4.63 0.14
CA SER A 37 -21.20 -4.07 -0.65
C SER A 37 -19.90 -4.09 0.16
N ALA A 38 -19.94 -3.65 1.45
CA ALA A 38 -18.77 -3.65 2.34
C ALA A 38 -18.21 -5.08 2.44
N GLN A 39 -19.10 -6.09 2.55
CA GLN A 39 -18.71 -7.50 2.60
C GLN A 39 -18.05 -7.98 1.30
N PHE A 40 -18.54 -7.51 0.13
CA PHE A 40 -17.99 -7.84 -1.18
C PHE A 40 -16.55 -7.29 -1.31
N TYR A 41 -16.35 -6.01 -1.01
CA TYR A 41 -15.04 -5.36 -1.09
C TYR A 41 -14.05 -5.88 -0.05
N LYS A 42 -14.52 -6.21 1.17
CA LYS A 42 -13.71 -6.79 2.23
C LYS A 42 -13.16 -8.15 1.75
N ALA A 43 -14.01 -8.96 1.06
CA ALA A 43 -13.65 -10.27 0.49
C ALA A 43 -12.55 -10.16 -0.56
N LEU A 44 -12.45 -8.99 -1.21
CA LEU A 44 -11.46 -8.68 -2.24
C LEU A 44 -10.17 -8.10 -1.67
N GLY A 45 -10.14 -7.85 -0.37
CA GLY A 45 -8.96 -7.31 0.31
C GLY A 45 -8.91 -5.80 0.46
N PHE A 46 -10.03 -5.11 0.21
CA PHE A 46 -10.09 -3.65 0.37
C PHE A 46 -10.15 -3.31 1.86
N LYS A 47 -9.58 -2.15 2.23
CA LYS A 47 -9.68 -1.65 3.60
C LYS A 47 -11.06 -0.97 3.68
N ILE A 48 -11.90 -1.39 4.66
CA ILE A 48 -13.23 -0.85 4.87
C ILE A 48 -13.23 0.17 6.00
N ASN A 49 -13.70 1.39 5.71
CA ASN A 49 -13.77 2.46 6.71
C ASN A 49 -15.22 2.89 6.91
N ARG A 50 -15.64 2.91 8.19
CA ARG A 50 -16.98 3.30 8.59
C ARG A 50 -16.84 4.46 9.56
N ASN A 51 -17.14 5.70 9.10
CA ASN A 51 -17.05 6.90 9.95
C ASN A 51 -18.44 7.32 10.47
N PRO A 52 -18.72 7.13 11.80
CA PRO A 52 -20.04 7.47 12.34
C PRO A 52 -20.43 8.94 12.42
N GLN A 53 -19.49 9.90 12.25
CA GLN A 53 -19.83 11.32 12.34
C GLN A 53 -20.52 11.90 11.09
N LYS A 57 -24.60 6.72 6.82
CA LYS A 57 -25.13 5.83 5.79
C LYS A 57 -24.22 5.82 4.53
N VAL A 59 -20.02 4.02 3.34
CA VAL A 59 -18.83 3.20 3.66
C VAL A 59 -17.70 3.62 2.73
N GLY A 60 -16.51 3.70 3.29
CA GLY A 60 -15.32 4.06 2.55
C GLY A 60 -14.52 2.82 2.19
N ILE A 61 -14.14 2.71 0.91
CA ILE A 61 -13.28 1.61 0.45
C ILE A 61 -11.97 2.25 -0.02
N GLN A 62 -10.84 1.59 0.25
CA GLN A 62 -9.55 2.18 -0.08
C GLN A 62 -8.53 1.15 -0.53
N ILE A 63 -7.73 1.54 -1.52
CA ILE A 63 -6.57 0.81 -2.05
C ILE A 63 -5.47 1.84 -2.04
N GLY A 64 -4.45 1.54 -1.23
CA GLY A 64 -3.31 2.43 -1.00
C GLY A 64 -3.82 3.71 -0.38
N GLN A 65 -3.88 4.77 -1.20
CA GLN A 65 -4.38 6.07 -0.75
C GLN A 65 -5.58 6.56 -1.54
N THR A 66 -6.03 5.77 -2.54
CA THR A 66 -7.19 6.07 -3.41
C THR A 66 -8.47 5.69 -2.67
N THR A 67 -9.41 6.65 -2.59
CA THR A 67 -10.65 6.53 -1.83
C THR A 67 -11.91 6.59 -2.65
N VAL A 68 -12.82 5.63 -2.39
CA VAL A 68 -14.14 5.55 -2.98
C VAL A 68 -15.16 5.48 -1.85
N ILE A 69 -16.14 6.41 -1.87
CA ILE A 69 -17.22 6.43 -0.89
C ILE A 69 -18.44 5.76 -1.50
N LEU A 70 -18.96 4.73 -0.83
CA LEU A 70 -20.15 4.00 -1.28
C LEU A 70 -21.33 4.65 -0.56
N ILE A 71 -22.33 5.08 -1.33
CA ILE A 71 -23.50 5.81 -0.83
C ILE A 71 -24.74 5.03 -1.17
N GLU A 72 -25.63 4.82 -0.18
CA GLU A 72 -26.89 4.15 -0.37
C GLU A 72 -27.70 4.86 -1.49
N ASN A 73 -28.31 4.05 -2.38
CA ASN A 73 -29.05 4.46 -3.56
C ASN A 73 -29.95 5.68 -3.44
N LYS A 74 -30.90 5.68 -2.49
CA LYS A 74 -31.84 6.79 -2.30
C LYS A 74 -31.13 8.09 -1.93
N HIS A 75 -30.13 8.03 -1.03
CA HIS A 75 -29.36 9.20 -0.64
C HIS A 75 -28.52 9.75 -1.81
N PHE A 76 -27.94 8.85 -2.63
CA PHE A 76 -27.15 9.22 -3.80
C PHE A 76 -28.04 9.93 -4.83
N GLN A 77 -29.25 9.39 -5.06
CA GLN A 77 -30.25 9.94 -5.97
C GLN A 77 -30.66 11.37 -5.54
N ASN A 78 -30.83 11.59 -4.22
CA ASN A 78 -31.19 12.90 -3.66
C ASN A 78 -30.07 13.92 -3.83
N VAL A 79 -28.82 13.52 -3.52
CA VAL A 79 -27.64 14.38 -3.64
C VAL A 79 -27.32 14.71 -5.12
N SER A 80 -27.40 13.72 -6.02
CA SER A 80 -27.14 13.93 -7.46
C SER A 80 -28.29 14.66 -8.16
N GLN A 81 -29.50 14.68 -7.55
CA GLN A 81 -30.72 15.35 -8.05
C GLN A 81 -31.12 14.75 -9.41
N GLN A 82 -30.86 13.46 -9.60
CA GLN A 82 -31.13 12.73 -10.85
C GLN A 82 -31.34 11.25 -10.54
N SER A 83 -32.13 10.59 -11.37
CA SER A 83 -32.41 9.16 -11.27
C SER A 83 -31.16 8.31 -11.56
N LEU A 84 -31.14 7.09 -11.05
CA LEU A 84 -30.02 6.16 -11.27
C LEU A 84 -30.21 5.42 -12.60
N ASN A 85 -29.13 4.87 -13.15
CA ASN A 85 -29.16 4.11 -14.39
C ASN A 85 -29.46 2.67 -14.05
N THR A 86 -30.28 2.01 -14.87
CA THR A 86 -30.65 0.59 -14.71
C THR A 86 -29.38 -0.28 -14.86
N GLU A 87 -28.61 -0.03 -15.94
CA GLU A 87 -27.36 -0.75 -16.23
C GLU A 87 -26.24 0.29 -16.30
N PRO A 88 -25.64 0.69 -15.16
CA PRO A 88 -24.61 1.75 -15.19
C PRO A 88 -23.37 1.35 -15.99
N ASN A 89 -22.85 2.29 -16.78
CA ASN A 89 -21.66 2.10 -17.61
C ASN A 89 -20.96 3.43 -17.88
N GLU A 90 -20.84 4.24 -16.83
CA GLU A 90 -20.21 5.56 -16.94
C GLU A 90 -18.73 5.47 -16.61
N VAL A 91 -18.40 4.56 -15.67
CA VAL A 91 -17.05 4.42 -15.19
C VAL A 91 -16.50 3.01 -15.37
N ILE A 93 -13.38 1.04 -13.37
CA ILE A 93 -12.39 1.15 -12.28
C ILE A 93 -11.27 0.14 -12.45
N SER A 94 -10.03 0.63 -12.69
CA SER A 94 -8.88 -0.25 -12.87
C SER A 94 -8.21 -0.56 -11.54
N LEU A 95 -7.82 -1.82 -11.40
CA LEU A 95 -7.15 -2.36 -10.22
C LEU A 95 -5.83 -3.00 -10.65
N GLY A 96 -4.71 -2.38 -10.24
CA GLY A 96 -3.38 -2.86 -10.55
C GLY A 96 -3.00 -4.05 -9.70
N VAL A 97 -2.51 -5.11 -10.36
CA VAL A 97 -2.12 -6.39 -9.74
C VAL A 97 -0.70 -6.74 -10.25
N ASN A 98 0.17 -7.30 -9.40
CA ASN A 98 1.54 -7.62 -9.77
C ASN A 98 1.76 -8.82 -10.68
N THR A 99 0.94 -9.88 -10.53
CA THR A 99 1.14 -11.10 -11.33
C THR A 99 -0.16 -11.60 -11.93
N ASN A 100 -0.04 -12.40 -13.00
CA ASN A 100 -1.13 -13.05 -13.72
C ASN A 100 -1.84 -14.04 -12.79
N GLU A 101 -1.06 -14.78 -11.98
CA GLU A 101 -1.53 -15.78 -11.02
C GLU A 101 -2.45 -15.14 -9.99
N GLU A 102 -2.08 -13.94 -9.52
CA GLU A 102 -2.87 -13.17 -8.56
C GLU A 102 -4.20 -12.72 -9.16
N VAL A 103 -4.23 -12.32 -10.47
CA VAL A 103 -5.47 -11.94 -11.17
C VAL A 103 -6.42 -13.17 -11.20
N ASP A 104 -5.86 -14.36 -11.50
CA ASP A 104 -6.60 -15.64 -11.53
C ASP A 104 -7.25 -15.93 -10.17
N GLN A 105 -6.50 -15.71 -9.07
CA GLN A 105 -6.98 -15.88 -7.69
C GLN A 105 -8.08 -14.86 -7.38
N LEU A 106 -7.85 -13.59 -7.72
CA LEU A 106 -8.78 -12.49 -7.49
C LEU A 106 -10.13 -12.67 -8.21
N VAL A 107 -10.08 -13.20 -9.46
CA VAL A 107 -11.28 -13.48 -10.27
C VAL A 107 -12.15 -14.54 -9.57
N ASN A 108 -11.52 -15.56 -8.96
CA ASN A 108 -12.23 -16.60 -8.20
C ASN A 108 -12.83 -16.05 -6.93
N LYS A 109 -12.14 -15.08 -6.30
CA LYS A 109 -12.61 -14.37 -5.10
C LYS A 109 -13.84 -13.51 -5.44
N VAL A 110 -13.88 -12.93 -6.66
CA VAL A 110 -15.02 -12.11 -7.14
C VAL A 110 -16.27 -13.02 -7.32
N LYS A 111 -16.07 -14.21 -7.95
CA LYS A 111 -17.10 -15.21 -8.17
C LYS A 111 -17.70 -15.69 -6.83
N GLU A 112 -16.83 -16.02 -5.84
CA GLU A 112 -17.25 -16.46 -4.50
C GLU A 112 -17.97 -15.37 -3.69
N ALA A 113 -17.62 -14.09 -3.93
CA ALA A 113 -18.20 -12.94 -3.24
C ALA A 113 -19.54 -12.45 -3.85
N GLY A 114 -19.93 -13.03 -4.98
CA GLY A 114 -21.19 -12.73 -5.65
C GLY A 114 -21.13 -11.75 -6.81
N GLY A 115 -19.92 -11.45 -7.30
CA GLY A 115 -19.73 -10.55 -8.43
C GLY A 115 -19.87 -11.29 -9.75
N ALA A 116 -20.03 -10.56 -10.87
CA ALA A 116 -20.16 -11.16 -12.19
C ALA A 116 -18.91 -10.92 -13.02
N VAL A 117 -18.24 -11.99 -13.47
CA VAL A 117 -17.02 -11.90 -14.27
C VAL A 117 -17.41 -11.84 -15.75
N VAL A 118 -17.25 -10.66 -16.35
CA VAL A 118 -17.62 -10.37 -17.73
C VAL A 118 -16.52 -10.88 -18.68
N GLN A 119 -15.26 -10.63 -18.34
CA GLN A 119 -14.12 -11.10 -19.12
C GLN A 119 -13.22 -11.94 -18.24
N GLU A 120 -13.08 -13.23 -18.55
CA GLU A 120 -12.21 -14.14 -17.82
C GLU A 120 -10.72 -13.76 -18.06
N PRO A 121 -9.78 -14.09 -17.14
CA PRO A 121 -8.37 -13.70 -17.35
C PRO A 121 -7.82 -14.02 -18.74
N THR A 122 -7.28 -12.98 -19.41
CA THR A 122 -6.71 -13.04 -20.76
C THR A 122 -5.85 -11.79 -21.04
N VAL A 123 -5.04 -11.83 -22.12
CA VAL A 123 -4.25 -10.69 -22.56
C VAL A 123 -5.15 -9.85 -23.50
N SER A 124 -5.40 -8.58 -23.14
CA SER A 124 -6.22 -7.63 -23.92
C SER A 124 -5.54 -6.28 -23.88
N GLN A 125 -5.43 -5.60 -25.05
CA GLN A 125 -4.83 -4.26 -25.18
C GLN A 125 -3.39 -4.20 -24.59
N GLY A 126 -2.61 -5.24 -24.82
CA GLY A 126 -1.24 -5.36 -24.35
C GLY A 126 -1.02 -5.65 -22.88
N PHE A 127 -2.07 -6.06 -22.16
CA PHE A 127 -1.95 -6.37 -20.74
C PHE A 127 -2.77 -7.59 -20.37
N TYR A 128 -2.27 -8.40 -19.45
CA TYR A 128 -3.03 -9.51 -18.91
C TYR A 128 -3.99 -8.89 -17.88
N GLY A 129 -5.21 -9.37 -17.89
CA GLY A 129 -6.23 -8.86 -17.00
C GLY A 129 -7.56 -9.58 -17.12
N ALA A 130 -8.55 -9.07 -16.40
CA ALA A 130 -9.90 -9.60 -16.34
C ALA A 130 -10.85 -8.45 -16.02
N PHE A 132 -14.83 -7.41 -14.40
CA PHE A 132 -15.99 -7.86 -13.60
C PHE A 132 -16.90 -6.71 -13.17
N LYS A 133 -18.08 -7.08 -12.63
CA LYS A 133 -19.03 -6.13 -12.09
C LYS A 133 -19.22 -6.45 -10.60
N ASP A 134 -19.40 -5.42 -9.76
CA ASP A 134 -19.66 -5.63 -8.33
C ASP A 134 -21.14 -5.98 -8.17
N LEU A 135 -21.69 -5.91 -6.95
CA LEU A 135 -23.12 -6.22 -6.68
C LEU A 135 -24.10 -5.21 -7.29
N ASP A 136 -23.61 -4.00 -7.64
CA ASP A 136 -24.46 -2.95 -8.22
C ASP A 136 -24.21 -2.65 -9.70
N GLY A 137 -23.46 -3.55 -10.37
CA GLY A 137 -23.13 -3.43 -11.78
C GLY A 137 -21.99 -2.49 -12.09
N HIS A 138 -21.23 -2.05 -11.06
CA HIS A 138 -20.08 -1.17 -11.30
C HIS A 138 -18.95 -1.98 -11.90
N HIS A 139 -18.39 -1.50 -13.04
CA HIS A 139 -17.36 -2.20 -13.82
C HIS A 139 -15.98 -1.98 -13.25
N PHE A 140 -15.23 -3.08 -13.08
CA PHE A 140 -13.86 -3.09 -12.62
C PHE A 140 -13.02 -3.93 -13.53
N ASN A 141 -11.74 -3.59 -13.66
CA ASN A 141 -10.83 -4.39 -14.48
C ASN A 141 -9.52 -4.59 -13.76
N PHE A 142 -9.13 -5.85 -13.60
CA PHE A 142 -7.83 -6.18 -13.02
C PHE A 142 -6.82 -6.02 -14.15
N LEU A 143 -5.66 -5.45 -13.84
CA LEU A 143 -4.62 -5.22 -14.84
C LEU A 143 -3.27 -5.56 -14.27
N VAL A 144 -2.50 -6.43 -14.94
CA VAL A 144 -1.15 -6.78 -14.50
C VAL A 144 -0.22 -5.69 -15.04
N CYS A 145 0.41 -4.93 -14.12
CA CYS A 145 1.30 -3.81 -14.46
C CYS A 145 2.37 -3.59 -13.39
N ASN B 15 2.43 6.84 21.17
CA ASN B 15 1.86 6.80 22.53
C ASN B 15 1.88 5.38 23.10
N LEU B 16 2.33 5.24 24.37
CA LEU B 16 2.46 3.96 25.11
C LEU B 16 1.23 3.03 25.00
N TYR B 17 0.02 3.58 25.20
CA TYR B 17 -1.23 2.82 25.15
C TYR B 17 -1.52 2.29 23.74
N PHE B 18 -1.24 3.11 22.71
CA PHE B 18 -1.48 2.78 21.29
C PHE B 18 -0.41 1.84 20.71
N GLN B 19 0.88 2.18 20.91
CA GLN B 19 2.04 1.42 20.49
C GLN B 19 2.16 0.09 21.28
N GLY B 20 1.82 0.13 22.57
CA GLY B 20 1.91 -1.04 23.43
C GLY B 20 3.32 -1.21 24.00
N ILE B 22 5.42 -4.08 23.57
CA ILE B 22 6.36 -4.79 22.72
C ILE B 22 6.72 -3.85 21.59
N GLN B 23 8.02 -3.49 21.52
CA GLN B 23 8.55 -2.54 20.54
C GLN B 23 8.98 -3.17 19.23
N SER B 24 9.58 -4.34 19.29
CA SER B 24 10.14 -4.97 18.10
C SER B 24 10.05 -6.48 18.18
N TRP B 26 12.04 -9.98 16.23
CA TRP B 26 13.03 -10.58 15.34
C TRP B 26 13.22 -12.06 15.66
N PHE B 27 13.84 -12.77 14.73
CA PHE B 27 13.99 -14.22 14.77
C PHE B 27 15.40 -14.66 14.98
N ASN B 28 15.55 -15.83 15.61
CA ASN B 28 16.82 -16.51 15.90
C ASN B 28 16.74 -17.93 15.40
N LEU B 29 17.70 -18.36 14.56
CA LEU B 29 17.77 -19.74 14.04
C LEU B 29 19.07 -20.36 14.48
N HIS B 30 19.07 -21.65 14.83
CA HIS B 30 20.28 -22.35 15.24
C HIS B 30 21.01 -22.83 13.99
N VAL B 31 22.33 -22.72 14.00
CA VAL B 31 23.19 -23.20 12.90
C VAL B 31 24.36 -23.95 13.52
N GLN B 32 24.86 -24.98 12.85
CA GLN B 32 25.99 -25.72 13.38
C GLN B 32 27.31 -24.95 13.22
N ASP B 33 27.50 -24.34 12.04
CA ASP B 33 28.73 -23.62 11.73
C ASP B 33 28.37 -22.22 11.24
N LEU B 34 28.72 -21.19 12.04
CA LEU B 34 28.42 -19.79 11.70
C LEU B 34 29.04 -19.29 10.42
N GLU B 35 30.31 -19.59 10.18
CA GLU B 35 31.06 -19.18 8.99
C GLU B 35 30.50 -19.82 7.70
N LYS B 36 30.15 -21.10 7.76
CA LYS B 36 29.54 -21.82 6.62
C LYS B 36 28.15 -21.26 6.32
N SER B 37 27.32 -21.01 7.36
CA SER B 37 25.99 -20.41 7.20
C SER B 37 26.08 -18.96 6.67
N ALA B 38 27.05 -18.14 7.15
CA ALA B 38 27.23 -16.77 6.66
C ALA B 38 27.60 -16.78 5.17
N GLN B 39 28.47 -17.72 4.76
CA GLN B 39 28.88 -17.90 3.36
C GLN B 39 27.67 -18.34 2.48
N PHE B 40 26.76 -19.20 3.01
CA PHE B 40 25.55 -19.65 2.30
C PHE B 40 24.60 -18.46 2.02
N TYR B 41 24.29 -17.67 3.07
CA TYR B 41 23.40 -16.51 2.94
C TYR B 41 23.99 -15.38 2.12
N LYS B 42 25.31 -15.16 2.22
CA LYS B 42 26.04 -14.18 1.43
C LYS B 42 25.92 -14.53 -0.06
N ALA B 43 26.03 -15.83 -0.41
CA ALA B 43 25.90 -16.34 -1.78
C ALA B 43 24.51 -16.07 -2.39
N LEU B 44 23.49 -15.98 -1.51
CA LEU B 44 22.10 -15.71 -1.85
C LEU B 44 21.75 -14.24 -1.90
N GLY B 45 22.72 -13.37 -1.58
CA GLY B 45 22.55 -11.93 -1.64
C GLY B 45 22.11 -11.25 -0.36
N PHE B 46 22.11 -11.96 0.78
CA PHE B 46 21.73 -11.40 2.06
C PHE B 46 22.84 -10.48 2.58
N LYS B 47 22.45 -9.46 3.35
CA LYS B 47 23.37 -8.55 4.04
C LYS B 47 23.85 -9.30 5.28
N ILE B 48 25.18 -9.45 5.44
CA ILE B 48 25.77 -10.17 6.57
C ILE B 48 26.32 -9.19 7.57
N ASN B 49 25.87 -9.30 8.82
CA ASN B 49 26.34 -8.45 9.89
C ASN B 49 27.00 -9.28 10.96
N ARG B 50 28.22 -8.90 11.32
CA ARG B 50 29.00 -9.51 12.39
C ARG B 50 29.31 -8.37 13.35
N ASN B 51 28.57 -8.28 14.48
CA ASN B 51 28.75 -7.20 15.45
C ASN B 51 29.66 -7.66 16.62
N PRO B 52 30.92 -7.13 16.70
CA PRO B 52 31.85 -7.56 17.79
C PRO B 52 31.46 -7.11 19.18
N GLN B 53 30.51 -6.17 19.31
CA GLN B 53 29.97 -5.63 20.56
C GLN B 53 29.27 -6.74 21.35
N LEU B 55 28.14 -10.24 23.03
CA LEU B 55 28.73 -11.21 23.98
C LEU B 55 29.19 -12.49 23.34
N ASP B 56 28.43 -12.96 22.33
CA ASP B 56 28.69 -14.24 21.68
C ASP B 56 28.82 -14.12 20.19
N LYS B 57 29.35 -15.21 19.60
CA LYS B 57 29.49 -15.39 18.19
C LYS B 57 28.12 -15.79 17.63
N VAL B 59 25.70 -14.38 13.85
CA VAL B 59 25.75 -13.65 12.60
C VAL B 59 24.33 -13.16 12.30
N GLY B 60 24.21 -11.93 11.87
CA GLY B 60 22.92 -11.38 11.51
C GLY B 60 22.73 -11.37 10.01
N ILE B 61 21.58 -11.82 9.56
CA ILE B 61 21.22 -11.82 8.14
C ILE B 61 19.99 -10.93 7.98
N GLN B 62 19.92 -10.17 6.87
CA GLN B 62 18.81 -9.24 6.71
C GLN B 62 18.31 -9.11 5.27
N ILE B 63 16.98 -8.97 5.13
CA ILE B 63 16.27 -8.67 3.89
C ILE B 63 15.34 -7.53 4.24
N GLY B 64 15.61 -6.39 3.62
CA GLY B 64 14.92 -5.15 3.90
C GLY B 64 15.25 -4.76 5.32
N GLN B 65 14.26 -4.93 6.21
CA GLN B 65 14.41 -4.63 7.63
C GLN B 65 14.12 -5.84 8.51
N THR B 66 13.73 -6.98 7.88
CA THR B 66 13.46 -8.25 8.55
C THR B 66 14.80 -8.89 8.90
N THR B 67 14.99 -9.09 10.21
CA THR B 67 16.26 -9.58 10.75
C THR B 67 16.18 -10.96 11.31
N VAL B 68 17.16 -11.79 10.94
CA VAL B 68 17.34 -13.14 11.46
C VAL B 68 18.75 -13.23 12.06
N ILE B 69 18.83 -13.63 13.32
CA ILE B 69 20.12 -13.85 13.99
C ILE B 69 20.40 -15.33 13.98
N LEU B 70 21.57 -15.71 13.44
CA LEU B 70 22.02 -17.10 13.40
C LEU B 70 22.84 -17.35 14.66
N ILE B 71 22.43 -18.38 15.44
CA ILE B 71 23.03 -18.76 16.73
C ILE B 71 23.66 -20.14 16.61
N GLU B 72 24.91 -20.29 17.09
CA GLU B 72 25.59 -21.59 17.10
C GLU B 72 24.78 -22.60 17.96
N ASN B 73 24.62 -23.82 17.43
CA ASN B 73 23.83 -24.91 17.99
C ASN B 73 23.87 -25.11 19.51
N LYS B 74 25.07 -25.29 20.08
CA LYS B 74 25.20 -25.53 21.53
C LYS B 74 24.69 -24.35 22.35
N HIS B 75 25.03 -23.11 21.93
CA HIS B 75 24.54 -21.90 22.60
C HIS B 75 23.02 -21.76 22.50
N PHE B 76 22.45 -22.09 21.34
CA PHE B 76 21.00 -22.02 21.10
C PHE B 76 20.27 -23.02 21.99
N GLN B 77 20.80 -24.26 22.09
CA GLN B 77 20.28 -25.34 22.95
C GLN B 77 20.28 -24.92 24.43
N ASN B 78 21.36 -24.25 24.89
CA ASN B 78 21.48 -23.75 26.27
C ASN B 78 20.47 -22.65 26.58
N VAL B 79 20.32 -21.67 25.66
CA VAL B 79 19.39 -20.57 25.85
C VAL B 79 17.92 -21.03 25.79
N SER B 80 17.59 -21.95 24.85
CA SER B 80 16.24 -22.49 24.70
C SER B 80 15.86 -23.50 25.78
N GLN B 81 16.90 -24.06 26.49
CA GLN B 81 16.76 -25.04 27.58
C GLN B 81 16.04 -26.31 27.09
N GLN B 82 16.24 -26.65 25.81
CA GLN B 82 15.61 -27.78 25.15
C GLN B 82 16.53 -28.29 24.03
N SER B 83 16.43 -29.58 23.73
CA SER B 83 17.20 -30.22 22.66
C SER B 83 16.72 -29.75 21.27
N LEU B 84 17.59 -29.91 20.27
CA LEU B 84 17.29 -29.52 18.90
C LEU B 84 16.52 -30.64 18.20
N ASN B 85 15.83 -30.32 17.11
CA ASN B 85 15.05 -31.30 16.36
C ASN B 85 15.94 -31.92 15.30
N THR B 86 15.81 -33.23 15.09
CA THR B 86 16.53 -33.99 14.06
C THR B 86 16.15 -33.45 12.67
N GLU B 87 14.84 -33.29 12.40
CA GLU B 87 14.35 -32.78 11.11
C GLU B 87 13.52 -31.54 11.41
N PRO B 88 14.12 -30.35 11.53
CA PRO B 88 13.31 -29.15 11.92
C PRO B 88 12.25 -28.79 10.90
N ASN B 89 11.03 -28.50 11.38
CA ASN B 89 9.88 -28.12 10.55
C ASN B 89 8.88 -27.29 11.36
N GLU B 90 9.41 -26.31 12.09
CA GLU B 90 8.59 -25.42 12.91
C GLU B 90 8.22 -24.17 12.11
N VAL B 91 9.15 -23.75 11.26
CA VAL B 91 9.02 -22.51 10.51
C VAL B 91 9.17 -22.73 9.01
N ILE B 93 10.18 -19.98 5.96
CA ILE B 93 10.58 -18.61 5.69
C ILE B 93 10.34 -18.23 4.25
N SER B 94 9.36 -17.32 4.01
CA SER B 94 9.04 -16.90 2.65
C SER B 94 9.92 -15.76 2.19
N LEU B 95 10.36 -15.84 0.93
CA LEU B 95 11.20 -14.84 0.29
C LEU B 95 10.51 -14.37 -0.98
N GLY B 96 10.04 -13.13 -0.98
CA GLY B 96 9.34 -12.50 -2.10
C GLY B 96 10.30 -12.18 -3.23
N VAL B 97 9.96 -12.60 -4.44
CA VAL B 97 10.75 -12.42 -5.67
C VAL B 97 9.81 -11.82 -6.74
N ASN B 98 10.30 -10.90 -7.58
CA ASN B 98 9.48 -10.23 -8.59
C ASN B 98 9.13 -11.04 -9.80
N THR B 99 10.04 -11.91 -10.29
CA THR B 99 9.78 -12.66 -11.52
C THR B 99 10.09 -14.14 -11.36
N ASN B 100 9.48 -14.97 -12.22
CA ASN B 100 9.70 -16.41 -12.26
C ASN B 100 11.15 -16.72 -12.65
N GLU B 101 11.71 -15.94 -13.58
CA GLU B 101 13.08 -16.06 -14.10
C GLU B 101 14.11 -15.87 -12.99
N GLU B 102 13.83 -14.92 -12.07
CA GLU B 102 14.66 -14.64 -10.90
C GLU B 102 14.62 -15.79 -9.91
N VAL B 103 13.42 -16.42 -9.71
CA VAL B 103 13.28 -17.62 -8.86
C VAL B 103 14.20 -18.72 -9.43
N ASP B 104 14.17 -18.95 -10.76
CA ASP B 104 15.01 -19.95 -11.45
C ASP B 104 16.51 -19.69 -11.23
N GLN B 105 16.94 -18.42 -11.28
CA GLN B 105 18.33 -18.02 -11.03
C GLN B 105 18.71 -18.28 -9.56
N LEU B 106 17.83 -17.90 -8.62
CA LEU B 106 18.02 -18.05 -7.18
C LEU B 106 18.13 -19.49 -6.75
N VAL B 107 17.33 -20.37 -7.37
CA VAL B 107 17.30 -21.80 -7.15
C VAL B 107 18.66 -22.41 -7.51
N ASN B 108 19.28 -21.96 -8.63
CA ASN B 108 20.60 -22.43 -9.04
C ASN B 108 21.69 -21.94 -8.08
N LYS B 109 21.51 -20.73 -7.53
CA LYS B 109 22.42 -20.13 -6.54
C LYS B 109 22.40 -20.94 -5.23
N VAL B 110 21.22 -21.44 -4.83
CA VAL B 110 21.02 -22.29 -3.63
C VAL B 110 21.79 -23.62 -3.82
N LYS B 111 21.62 -24.25 -4.98
CA LYS B 111 22.29 -25.52 -5.32
C LYS B 111 23.81 -25.37 -5.29
N GLU B 112 24.34 -24.25 -5.87
CA GLU B 112 25.78 -23.95 -5.88
C GLU B 112 26.34 -23.60 -4.49
N ALA B 113 25.49 -23.09 -3.58
CA ALA B 113 25.92 -22.70 -2.25
C ALA B 113 25.86 -23.86 -1.24
N GLY B 114 25.31 -24.99 -1.66
CA GLY B 114 25.23 -26.17 -0.80
C GLY B 114 23.90 -26.45 -0.14
N GLY B 115 22.85 -25.72 -0.54
CA GLY B 115 21.49 -25.89 -0.04
C GLY B 115 20.79 -27.02 -0.78
N ALA B 116 19.68 -27.50 -0.22
CA ALA B 116 18.95 -28.60 -0.85
C ALA B 116 17.61 -28.07 -1.37
N VAL B 117 17.35 -28.21 -2.66
CA VAL B 117 16.09 -27.77 -3.27
C VAL B 117 15.09 -28.91 -3.17
N VAL B 118 14.09 -28.75 -2.31
CA VAL B 118 13.02 -29.74 -2.04
C VAL B 118 11.96 -29.67 -3.16
N GLN B 119 11.59 -28.45 -3.56
CA GLN B 119 10.61 -28.28 -4.60
C GLN B 119 11.22 -27.38 -5.65
N GLU B 120 11.40 -27.93 -6.86
CA GLU B 120 11.96 -27.21 -8.00
C GLU B 120 10.94 -26.14 -8.47
N PRO B 121 11.37 -25.05 -9.16
CA PRO B 121 10.40 -24.02 -9.55
C PRO B 121 9.16 -24.55 -10.26
N THR B 122 7.98 -24.19 -9.70
CA THR B 122 6.65 -24.61 -10.19
C THR B 122 5.57 -23.72 -9.59
N VAL B 123 4.36 -23.79 -10.17
CA VAL B 123 3.18 -23.09 -9.68
C VAL B 123 2.51 -24.00 -8.64
N SER B 124 2.37 -23.51 -7.40
CA SER B 124 1.73 -24.23 -6.29
C SER B 124 0.95 -23.23 -5.48
N GLN B 125 -0.28 -23.59 -5.06
CA GLN B 125 -1.18 -22.73 -4.24
C GLN B 125 -1.40 -21.32 -4.88
N GLY B 126 -1.53 -21.29 -6.22
CA GLY B 126 -1.74 -20.06 -6.98
C GLY B 126 -0.54 -19.14 -7.15
N PHE B 127 0.67 -19.62 -6.86
CA PHE B 127 1.89 -18.82 -7.02
C PHE B 127 3.03 -19.63 -7.57
N TYR B 128 3.85 -19.00 -8.40
CA TYR B 128 5.06 -19.62 -8.89
C TYR B 128 6.07 -19.46 -7.75
N GLY B 129 6.86 -20.50 -7.53
CA GLY B 129 7.88 -20.49 -6.50
C GLY B 129 8.67 -21.78 -6.43
N ALA B 130 9.52 -21.86 -5.42
CA ALA B 130 10.39 -23.00 -5.17
C ALA B 130 10.65 -23.08 -3.67
N PHE B 132 13.35 -24.66 -0.57
CA PHE B 132 14.65 -25.19 -0.28
C PHE B 132 14.95 -25.22 1.22
N LYS B 133 16.02 -25.93 1.57
CA LYS B 133 16.55 -26.01 2.91
C LYS B 133 17.95 -25.40 2.93
N ASP B 134 18.32 -24.68 3.99
CA ASP B 134 19.67 -24.14 4.14
C ASP B 134 20.59 -25.29 4.64
N LEU B 135 21.81 -24.98 5.12
CA LEU B 135 22.75 -26.00 5.60
C LEU B 135 22.30 -26.74 6.86
N ASP B 136 21.30 -26.21 7.57
CA ASP B 136 20.80 -26.78 8.82
C ASP B 136 19.36 -27.25 8.74
N GLY B 137 18.84 -27.43 7.52
CA GLY B 137 17.50 -27.95 7.32
C GLY B 137 16.37 -26.94 7.47
N HIS B 138 16.71 -25.64 7.61
CA HIS B 138 15.68 -24.59 7.77
C HIS B 138 14.99 -24.38 6.42
N HIS B 139 13.64 -24.46 6.40
CA HIS B 139 12.82 -24.34 5.17
C HIS B 139 12.61 -22.92 4.76
N PHE B 140 12.83 -22.66 3.46
CA PHE B 140 12.60 -21.39 2.81
C PHE B 140 11.80 -21.62 1.56
N ASN B 141 10.96 -20.66 1.21
CA ASN B 141 10.22 -20.76 -0.03
C ASN B 141 10.28 -19.46 -0.79
N PHE B 142 10.77 -19.51 -2.04
CA PHE B 142 10.74 -18.35 -2.91
C PHE B 142 9.29 -18.23 -3.41
N LEU B 143 8.77 -17.01 -3.49
CA LEU B 143 7.40 -16.79 -3.93
C LEU B 143 7.35 -15.60 -4.86
N VAL B 144 6.79 -15.77 -6.07
CA VAL B 144 6.63 -14.66 -7.02
C VAL B 144 5.36 -13.92 -6.64
N CYS B 145 5.50 -12.65 -6.20
CA CYS B 145 4.38 -11.81 -5.75
C CYS B 145 4.68 -10.32 -5.99
N GLY C 20 34.84 12.11 0.81
CA GLY C 20 33.87 12.09 -0.28
C GLY C 20 33.83 13.37 -1.08
N ILE C 22 33.50 13.58 -4.64
CA ILE C 22 32.62 13.49 -5.80
C ILE C 22 31.20 13.47 -5.28
N GLN C 23 30.42 14.49 -5.63
CA GLN C 23 29.04 14.69 -5.18
C GLN C 23 27.99 14.04 -6.05
N SER C 24 28.21 14.03 -7.37
CA SER C 24 27.21 13.52 -8.30
C SER C 24 27.85 12.94 -9.55
N TRP C 26 26.54 11.85 -13.72
CA TRP C 26 25.57 11.79 -14.80
C TRP C 26 26.26 11.52 -16.14
N PHE C 27 25.46 11.13 -17.13
CA PHE C 27 25.92 10.72 -18.45
C PHE C 27 25.56 11.67 -19.54
N ASN C 28 26.45 11.78 -20.54
CA ASN C 28 26.30 12.58 -21.73
C ASN C 28 26.48 11.68 -22.95
N LEU C 29 25.52 11.73 -23.90
CA LEU C 29 25.56 10.95 -25.13
C LEU C 29 25.50 11.91 -26.31
N HIS C 30 26.22 11.60 -27.39
CA HIS C 30 26.22 12.39 -28.62
C HIS C 30 25.05 12.00 -29.50
N VAL C 31 24.37 13.00 -30.08
CA VAL C 31 23.27 12.78 -31.02
C VAL C 31 23.48 13.66 -32.25
N GLN C 32 23.08 13.17 -33.43
CA GLN C 32 23.22 13.95 -34.66
C GLN C 32 22.18 15.06 -34.74
N ASP C 33 20.92 14.75 -34.38
CA ASP C 33 19.81 15.71 -34.43
C ASP C 33 19.08 15.67 -33.09
N LEU C 34 19.17 16.77 -32.33
CA LEU C 34 18.58 16.95 -31.01
C LEU C 34 17.06 16.77 -30.97
N GLU C 35 16.33 17.39 -31.93
CA GLU C 35 14.88 17.34 -32.03
C GLU C 35 14.36 15.95 -32.38
N LYS C 36 15.05 15.24 -33.30
CA LYS C 36 14.68 13.87 -33.67
C LYS C 36 14.91 12.92 -32.49
N SER C 37 16.00 13.13 -31.72
CA SER C 37 16.34 12.35 -30.54
C SER C 37 15.31 12.58 -29.44
N ALA C 38 14.98 13.86 -29.17
CA ALA C 38 13.99 14.22 -28.16
C ALA C 38 12.63 13.58 -28.48
N GLN C 39 12.25 13.56 -29.78
CA GLN C 39 11.02 12.95 -30.27
C GLN C 39 11.01 11.42 -30.09
N PHE C 40 12.16 10.75 -30.30
CA PHE C 40 12.29 9.31 -30.13
C PHE C 40 12.11 8.93 -28.65
N TYR C 41 12.81 9.62 -27.72
CA TYR C 41 12.73 9.35 -26.29
C TYR C 41 11.36 9.71 -25.70
N LYS C 42 10.73 10.78 -26.21
CA LYS C 42 9.39 11.20 -25.81
C LYS C 42 8.38 10.09 -26.17
N ALA C 43 8.53 9.46 -27.36
CA ALA C 43 7.70 8.35 -27.85
C ALA C 43 7.80 7.12 -26.96
N LEU C 44 8.94 6.97 -26.26
CA LEU C 44 9.23 5.86 -25.35
C LEU C 44 8.78 6.15 -23.92
N GLY C 45 8.27 7.34 -23.66
CA GLY C 45 7.77 7.75 -22.35
C GLY C 45 8.76 8.44 -21.44
N PHE C 46 9.91 8.87 -21.96
CA PHE C 46 10.91 9.58 -21.17
C PHE C 46 10.46 11.02 -20.93
N LYS C 47 10.88 11.59 -19.78
CA LYS C 47 10.62 13.00 -19.45
C LYS C 47 11.67 13.81 -20.21
N ILE C 48 11.24 14.75 -21.09
CA ILE C 48 12.16 15.58 -21.86
C ILE C 48 12.33 16.95 -21.19
N ASN C 49 13.57 17.31 -20.88
CA ASN C 49 13.91 18.56 -20.21
C ASN C 49 14.83 19.41 -21.07
N ARG C 50 14.41 20.65 -21.27
CA ARG C 50 15.13 21.63 -22.07
C ARG C 50 15.38 22.83 -21.15
N ASN C 51 16.62 23.01 -20.69
CA ASN C 51 16.97 24.13 -19.80
C ASN C 51 17.64 25.29 -20.59
N PRO C 52 16.93 26.44 -20.77
CA PRO C 52 17.51 27.55 -21.56
C PRO C 52 18.62 28.35 -20.89
N GLN C 53 18.81 28.15 -19.57
CA GLN C 53 19.80 28.79 -18.72
C GLN C 53 21.21 28.31 -19.13
N LEU C 55 24.18 26.64 -21.85
CA LEU C 55 24.77 26.86 -23.17
C LEU C 55 25.86 25.79 -23.38
N ASP C 56 25.83 25.03 -24.49
CA ASP C 56 24.98 25.20 -25.68
C ASP C 56 23.62 24.44 -25.69
N LYS C 57 23.22 23.94 -26.89
CA LYS C 57 21.99 23.20 -27.18
C LYS C 57 22.10 21.71 -26.81
N VAL C 59 19.62 18.42 -24.59
CA VAL C 59 18.32 17.94 -24.12
C VAL C 59 18.55 16.92 -23.01
N GLY C 60 17.78 17.02 -21.95
CA GLY C 60 17.86 16.12 -20.83
C GLY C 60 16.78 15.08 -20.90
N ILE C 61 17.16 13.81 -20.77
CA ILE C 61 16.20 12.69 -20.73
C ILE C 61 16.31 12.08 -19.33
N GLN C 62 15.18 11.66 -18.76
CA GLN C 62 15.18 11.16 -17.40
C GLN C 62 14.17 10.03 -17.19
N ILE C 63 14.59 9.04 -16.39
CA ILE C 63 13.77 7.93 -15.89
C ILE C 63 14.00 7.96 -14.41
N GLY C 64 12.91 8.21 -13.67
CA GLY C 64 12.94 8.34 -12.22
C GLY C 64 13.81 9.52 -11.86
N GLN C 65 15.02 9.23 -11.36
CA GLN C 65 15.99 10.27 -11.00
C GLN C 65 17.30 10.17 -11.77
N THR C 66 17.42 9.14 -12.65
CA THR C 66 18.60 8.88 -13.51
C THR C 66 18.56 9.80 -14.73
N THR C 67 19.66 10.55 -14.95
CA THR C 67 19.75 11.59 -15.97
C THR C 67 20.78 11.35 -17.03
N VAL C 68 20.37 11.56 -18.30
CA VAL C 68 21.21 11.49 -19.49
C VAL C 68 21.07 12.79 -20.27
N ILE C 69 22.19 13.47 -20.55
CA ILE C 69 22.20 14.69 -21.34
C ILE C 69 22.59 14.32 -22.76
N LEU C 70 21.74 14.70 -23.72
CA LEU C 70 21.99 14.47 -25.15
C LEU C 70 22.64 15.74 -25.69
N ILE C 71 23.80 15.58 -26.33
CA ILE C 71 24.59 16.68 -26.86
C ILE C 71 24.77 16.51 -28.38
N GLU C 72 24.60 17.60 -29.17
CA GLU C 72 24.85 17.60 -30.63
C GLU C 72 26.27 17.09 -30.90
N ASN C 73 26.41 16.17 -31.88
CA ASN C 73 27.64 15.52 -32.34
C ASN C 73 28.93 16.39 -32.38
N LYS C 74 28.85 17.61 -32.99
CA LYS C 74 30.02 18.51 -33.07
C LYS C 74 30.50 19.04 -31.73
N HIS C 75 29.56 19.49 -30.88
CA HIS C 75 29.89 20.00 -29.56
C HIS C 75 30.47 18.89 -28.65
N PHE C 76 29.92 17.65 -28.73
CA PHE C 76 30.39 16.46 -28.00
C PHE C 76 31.84 16.13 -28.41
N GLN C 77 32.14 16.17 -29.73
CA GLN C 77 33.45 15.90 -30.32
C GLN C 77 34.49 16.93 -29.82
N ASN C 78 34.10 18.22 -29.73
CA ASN C 78 34.96 19.29 -29.23
C ASN C 78 35.28 19.13 -27.74
N VAL C 79 34.26 18.83 -26.92
CA VAL C 79 34.40 18.64 -25.47
C VAL C 79 35.25 17.37 -25.16
N SER C 80 35.00 16.25 -25.88
CA SER C 80 35.73 14.99 -25.68
C SER C 80 37.15 15.03 -26.26
N GLN C 81 37.42 16.00 -27.17
CA GLN C 81 38.72 16.20 -27.85
C GLN C 81 39.14 14.95 -28.65
N GLN C 82 38.13 14.22 -29.17
CA GLN C 82 38.32 12.97 -29.89
C GLN C 82 37.18 12.76 -30.88
N SER C 83 37.44 12.05 -31.98
CA SER C 83 36.45 11.74 -33.00
C SER C 83 35.41 10.75 -32.49
N LEU C 84 34.21 10.75 -33.10
CA LEU C 84 33.13 9.86 -32.69
C LEU C 84 33.30 8.49 -33.35
N ASN C 85 32.67 7.46 -32.76
CA ASN C 85 32.67 6.11 -33.29
C ASN C 85 31.51 5.97 -34.27
N THR C 86 31.76 5.33 -35.41
CA THR C 86 30.73 5.10 -36.43
C THR C 86 29.69 4.12 -35.88
N GLU C 87 30.15 3.04 -35.24
CA GLU C 87 29.28 2.04 -34.64
C GLU C 87 29.53 2.04 -33.12
N PRO C 88 28.89 2.98 -32.36
CA PRO C 88 29.14 3.06 -30.91
C PRO C 88 28.69 1.80 -30.16
N ASN C 89 29.57 1.28 -29.28
CA ASN C 89 29.34 0.07 -28.48
C ASN C 89 30.19 0.10 -27.20
N GLU C 90 30.24 1.25 -26.54
CA GLU C 90 31.00 1.45 -25.31
C GLU C 90 30.07 1.19 -24.11
N VAL C 91 28.81 1.57 -24.27
CA VAL C 91 27.82 1.50 -23.23
C VAL C 91 26.63 0.63 -23.60
N ILE C 93 22.74 0.56 -22.01
CA ILE C 93 21.82 1.21 -21.08
C ILE C 93 20.65 0.30 -20.76
N SER C 94 20.58 -0.18 -19.50
CA SER C 94 19.50 -1.06 -19.07
C SER C 94 18.27 -0.29 -18.62
N LEU C 95 17.09 -0.82 -19.00
CA LEU C 95 15.80 -0.21 -18.70
C LEU C 95 14.89 -1.23 -18.03
N GLY C 96 14.65 -1.02 -16.74
CA GLY C 96 13.80 -1.90 -15.92
C GLY C 96 12.34 -1.75 -16.25
N VAL C 97 11.68 -2.88 -16.54
CA VAL C 97 10.26 -2.96 -16.90
C VAL C 97 9.61 -4.02 -15.98
N ASN C 98 8.36 -3.79 -15.54
CA ASN C 98 7.67 -4.68 -14.61
C ASN C 98 7.15 -6.00 -15.18
N THR C 99 6.67 -5.98 -16.42
CA THR C 99 6.08 -7.20 -17.00
C THR C 99 6.62 -7.47 -18.40
N ASN C 100 6.53 -8.74 -18.82
CA ASN C 100 6.92 -9.22 -20.15
C ASN C 100 6.08 -8.54 -21.22
N GLU C 101 4.75 -8.39 -20.96
CA GLU C 101 3.76 -7.76 -21.85
C GLU C 101 4.12 -6.32 -22.16
N GLU C 102 4.64 -5.59 -21.15
CA GLU C 102 5.07 -4.21 -21.29
C GLU C 102 6.33 -4.11 -22.16
N VAL C 103 7.28 -5.06 -22.02
CA VAL C 103 8.51 -5.15 -22.85
C VAL C 103 8.07 -5.30 -24.33
N ASP C 104 7.09 -6.20 -24.60
CA ASP C 104 6.52 -6.45 -25.92
C ASP C 104 5.93 -5.16 -26.53
N GLN C 105 5.18 -4.38 -25.73
CA GLN C 105 4.60 -3.10 -26.13
C GLN C 105 5.70 -2.08 -26.44
N LEU C 106 6.69 -1.96 -25.55
CA LEU C 106 7.82 -1.04 -25.68
C LEU C 106 8.67 -1.29 -26.92
N VAL C 107 8.89 -2.56 -27.28
CA VAL C 107 9.66 -2.95 -28.47
C VAL C 107 8.96 -2.44 -29.72
N ASN C 108 7.62 -2.62 -29.78
CA ASN C 108 6.77 -2.14 -30.87
C ASN C 108 6.83 -0.61 -30.97
N LYS C 109 6.95 0.11 -29.82
CA LYS C 109 7.08 1.56 -29.73
C LYS C 109 8.45 2.01 -30.28
N VAL C 110 9.51 1.21 -30.02
CA VAL C 110 10.86 1.45 -30.53
C VAL C 110 10.85 1.39 -32.08
N LYS C 111 10.20 0.36 -32.66
CA LYS C 111 10.08 0.17 -34.13
C LYS C 111 9.34 1.35 -34.78
N GLU C 112 8.21 1.77 -34.18
CA GLU C 112 7.38 2.88 -34.66
C GLU C 112 8.10 4.23 -34.55
N ALA C 113 8.99 4.40 -33.56
CA ALA C 113 9.75 5.64 -33.34
C ALA C 113 11.03 5.74 -34.20
N GLY C 114 11.32 4.67 -34.95
CA GLY C 114 12.46 4.59 -35.87
C GLY C 114 13.69 3.85 -35.39
N GLY C 115 13.63 3.28 -34.19
CA GLY C 115 14.73 2.52 -33.60
C GLY C 115 14.92 1.15 -34.22
N ALA C 116 16.09 0.53 -34.00
CA ALA C 116 16.41 -0.80 -34.52
C ALA C 116 16.46 -1.84 -33.40
N VAL C 117 15.61 -2.86 -33.48
CA VAL C 117 15.51 -3.92 -32.49
C VAL C 117 16.51 -5.03 -32.86
N VAL C 118 17.59 -5.14 -32.07
CA VAL C 118 18.67 -6.10 -32.26
C VAL C 118 18.25 -7.47 -31.72
N GLN C 119 17.65 -7.51 -30.55
CA GLN C 119 17.17 -8.75 -29.94
C GLN C 119 15.69 -8.60 -29.63
N GLU C 120 14.86 -9.44 -30.28
CA GLU C 120 13.41 -9.45 -30.06
C GLU C 120 13.10 -10.00 -28.65
N PRO C 121 11.95 -9.67 -28.02
CA PRO C 121 11.68 -10.16 -26.65
C PRO C 121 11.83 -11.67 -26.42
N THR C 122 12.73 -12.02 -25.49
CA THR C 122 13.09 -13.40 -25.14
C THR C 122 13.75 -13.46 -23.76
N VAL C 123 13.89 -14.68 -23.20
CA VAL C 123 14.59 -14.90 -21.95
C VAL C 123 16.08 -15.10 -22.28
N SER C 124 16.96 -14.23 -21.76
CA SER C 124 18.41 -14.26 -21.98
C SER C 124 19.07 -13.88 -20.66
N GLN C 125 20.13 -14.61 -20.29
CA GLN C 125 20.91 -14.37 -19.05
C GLN C 125 20.02 -14.32 -17.79
N GLY C 126 19.03 -15.22 -17.73
CA GLY C 126 18.10 -15.36 -16.61
C GLY C 126 17.03 -14.30 -16.50
N PHE C 127 16.81 -13.49 -17.54
CA PHE C 127 15.78 -12.46 -17.51
C PHE C 127 15.08 -12.33 -18.84
N TYR C 128 13.78 -12.02 -18.80
CA TYR C 128 13.03 -11.73 -20.01
C TYR C 128 13.41 -10.28 -20.38
N GLY C 129 13.60 -10.03 -21.66
CA GLY C 129 13.96 -8.72 -22.13
C GLY C 129 14.14 -8.64 -23.62
N ALA C 130 14.63 -7.49 -24.08
CA ALA C 130 14.87 -7.18 -25.49
C ALA C 130 15.98 -6.15 -25.57
N PHE C 132 17.78 -3.02 -28.15
CA PHE C 132 17.58 -2.10 -29.28
C PHE C 132 18.62 -0.99 -29.35
N LYS C 133 18.66 -0.29 -30.51
CA LYS C 133 19.53 0.85 -30.76
C LYS C 133 18.68 2.09 -30.96
N ASP C 134 19.11 3.23 -30.38
CA ASP C 134 18.38 4.47 -30.61
C ASP C 134 18.70 5.00 -32.05
N LEU C 135 18.38 6.26 -32.37
CA LEU C 135 18.64 6.80 -33.72
C LEU C 135 20.14 6.96 -34.05
N ASP C 136 20.97 7.17 -33.01
CA ASP C 136 22.42 7.34 -33.16
C ASP C 136 23.21 6.05 -32.87
N GLY C 137 22.50 4.92 -32.78
CA GLY C 137 23.09 3.61 -32.53
C GLY C 137 23.45 3.30 -31.10
N HIS C 138 22.91 4.07 -30.13
CA HIS C 138 23.17 3.83 -28.70
C HIS C 138 22.36 2.60 -28.24
N HIS C 139 23.03 1.68 -27.53
CA HIS C 139 22.51 0.39 -27.07
C HIS C 139 21.71 0.42 -25.81
N PHE C 140 20.48 -0.10 -25.88
CA PHE C 140 19.58 -0.17 -24.74
C PHE C 140 19.03 -1.57 -24.62
N ASN C 141 18.81 -2.01 -23.39
CA ASN C 141 18.21 -3.31 -23.17
C ASN C 141 17.08 -3.22 -22.17
N PHE C 142 15.88 -3.67 -22.56
CA PHE C 142 14.75 -3.72 -21.62
C PHE C 142 14.96 -4.98 -20.81
N LEU C 143 14.68 -4.92 -19.51
CA LEU C 143 14.86 -6.03 -18.61
C LEU C 143 13.69 -6.14 -17.64
N VAL C 144 13.05 -7.32 -17.56
CA VAL C 144 11.94 -7.53 -16.63
C VAL C 144 12.57 -7.90 -15.28
N CYS C 145 12.38 -7.03 -14.29
CA CYS C 145 12.95 -7.19 -12.94
C CYS C 145 12.06 -6.52 -11.87
N GLY D 20 16.82 17.42 27.34
CA GLY D 20 15.87 16.33 27.16
C GLY D 20 15.14 16.01 28.45
N ILE D 22 12.16 14.77 29.57
CA ILE D 22 10.74 14.45 29.39
C ILE D 22 10.53 14.19 27.91
N GLN D 23 10.16 12.94 27.56
CA GLN D 23 10.00 12.46 26.19
C GLN D 23 8.62 12.68 25.59
N SER D 24 7.58 12.54 26.41
CA SER D 24 6.23 12.59 25.94
C SER D 24 5.30 13.10 27.01
N TRP D 26 0.91 13.11 27.83
CA TRP D 26 -0.46 12.73 27.50
C TRP D 26 -1.39 12.95 28.68
N PHE D 27 -2.69 12.95 28.40
CA PHE D 27 -3.72 13.27 29.37
C PHE D 27 -4.57 12.09 29.75
N ASN D 28 -5.03 12.10 31.01
CA ASN D 28 -5.91 11.10 31.59
C ASN D 28 -7.12 11.80 32.18
N LEU D 29 -8.33 11.34 31.83
CA LEU D 29 -9.59 11.89 32.31
C LEU D 29 -10.38 10.77 32.98
N HIS D 30 -11.14 11.13 34.03
CA HIS D 30 -11.99 10.21 34.77
C HIS D 30 -13.36 10.11 34.10
N VAL D 31 -13.88 8.86 33.92
CA VAL D 31 -15.22 8.61 33.36
C VAL D 31 -16.01 7.61 34.23
N GLN D 32 -17.33 7.77 34.33
CA GLN D 32 -18.18 6.88 35.13
C GLN D 32 -18.37 5.52 34.43
N ASP D 33 -18.60 5.53 33.10
CA ASP D 33 -18.87 4.33 32.29
C ASP D 33 -18.03 4.41 31.03
N LEU D 34 -17.02 3.52 30.89
CA LEU D 34 -16.11 3.48 29.73
C LEU D 34 -16.83 3.24 28.43
N GLU D 35 -17.69 2.22 28.39
CA GLU D 35 -18.41 1.84 27.17
C GLU D 35 -19.29 2.98 26.66
N LYS D 36 -19.99 3.70 27.56
CA LYS D 36 -20.83 4.84 27.20
C LYS D 36 -19.97 5.99 26.70
N SER D 37 -18.83 6.25 27.36
CA SER D 37 -17.88 7.30 26.94
C SER D 37 -17.24 6.96 25.60
N ALA D 38 -16.78 5.69 25.41
CA ALA D 38 -16.19 5.24 24.13
C ALA D 38 -17.19 5.44 23.00
N GLN D 39 -18.48 5.14 23.25
CA GLN D 39 -19.57 5.32 22.28
C GLN D 39 -19.80 6.81 21.94
N PHE D 40 -19.68 7.70 22.94
CA PHE D 40 -19.84 9.15 22.75
C PHE D 40 -18.73 9.70 21.84
N TYR D 41 -17.47 9.36 22.15
CA TYR D 41 -16.32 9.81 21.36
C TYR D 41 -16.26 9.20 19.97
N LYS D 42 -16.68 7.93 19.82
CA LYS D 42 -16.77 7.22 18.54
C LYS D 42 -17.76 7.96 17.63
N ALA D 43 -18.91 8.42 18.20
CA ALA D 43 -19.97 9.16 17.51
C ALA D 43 -19.46 10.52 17.00
N LEU D 44 -18.46 11.09 17.67
CA LEU D 44 -17.83 12.37 17.31
C LEU D 44 -16.68 12.23 16.30
N GLY D 45 -16.34 10.98 15.95
CA GLY D 45 -15.30 10.69 14.97
C GLY D 45 -13.92 10.44 15.52
N PHE D 46 -13.80 10.24 16.84
CA PHE D 46 -12.51 9.94 17.47
C PHE D 46 -12.11 8.50 17.19
N LYS D 47 -10.80 8.26 17.09
CA LYS D 47 -10.27 6.90 16.94
C LYS D 47 -10.28 6.30 18.36
N ILE D 48 -10.93 5.15 18.55
CA ILE D 48 -11.03 4.46 19.84
C ILE D 48 -10.05 3.31 19.89
N ASN D 49 -9.18 3.32 20.91
CA ASN D 49 -8.20 2.25 21.12
C ASN D 49 -8.44 1.55 22.44
N ARG D 50 -8.51 0.22 22.39
CA ARG D 50 -8.70 -0.66 23.54
C ARG D 50 -7.52 -1.64 23.47
N ASN D 51 -6.52 -1.45 24.33
CA ASN D 51 -5.31 -2.27 24.28
C ASN D 51 -5.25 -3.44 25.27
N PRO D 52 -5.44 -4.71 24.83
CA PRO D 52 -5.31 -5.83 25.78
C PRO D 52 -3.82 -6.13 25.98
N GLN D 53 -3.25 -5.56 27.06
CA GLN D 53 -1.84 -5.66 27.45
C GLN D 53 -1.64 -4.93 28.79
N LEU D 55 -3.40 -2.69 32.34
CA LEU D 55 -4.31 -2.99 33.46
C LEU D 55 -5.68 -2.32 33.15
N ASP D 56 -6.25 -2.77 32.01
CA ASP D 56 -7.41 -2.33 31.22
C ASP D 56 -8.84 -2.14 31.75
N LYS D 57 -9.02 -1.00 32.43
CA LYS D 57 -10.27 -0.38 32.82
C LYS D 57 -10.08 1.03 32.22
N VAL D 59 -9.88 3.24 28.04
CA VAL D 59 -10.03 3.39 26.59
C VAL D 59 -9.18 4.60 26.16
N GLY D 60 -8.53 4.48 25.02
CA GLY D 60 -7.74 5.56 24.46
C GLY D 60 -8.50 6.26 23.36
N ILE D 61 -8.59 7.59 23.42
CA ILE D 61 -9.22 8.42 22.39
C ILE D 61 -8.12 9.26 21.71
N GLN D 62 -8.19 9.43 20.40
CA GLN D 62 -7.14 10.13 19.68
C GLN D 62 -7.64 10.97 18.52
N ILE D 63 -7.01 12.15 18.35
CA ILE D 63 -7.16 13.05 17.22
C ILE D 63 -5.72 13.35 16.79
N GLY D 64 -5.33 12.82 15.62
CA GLY D 64 -4.00 12.96 15.04
C GLY D 64 -2.86 13.06 16.02
N GLN D 65 -2.48 11.92 16.64
CA GLN D 65 -1.34 11.80 17.57
C GLN D 65 -1.50 12.38 18.97
N THR D 66 -2.54 13.25 19.20
CA THR D 66 -2.86 13.76 20.54
C THR D 66 -3.76 12.73 21.20
N THR D 67 -3.32 12.24 22.36
CA THR D 67 -3.94 11.11 23.06
C THR D 67 -4.50 11.48 24.40
N VAL D 68 -5.71 10.96 24.69
CA VAL D 68 -6.40 11.07 25.96
C VAL D 68 -6.80 9.67 26.41
N ILE D 69 -6.39 9.30 27.64
CA ILE D 69 -6.76 8.00 28.23
C ILE D 69 -7.92 8.25 29.15
N LEU D 70 -9.00 7.51 28.93
CA LEU D 70 -10.21 7.60 29.75
C LEU D 70 -10.13 6.47 30.74
N ILE D 71 -10.28 6.81 32.04
CA ILE D 71 -10.15 5.87 33.14
C ILE D 71 -11.44 5.83 33.96
N GLU D 72 -11.93 4.61 34.23
CA GLU D 72 -13.13 4.42 35.04
C GLU D 72 -12.83 4.85 36.47
N ASN D 73 -13.60 5.84 36.99
CA ASN D 73 -13.41 6.40 38.35
C ASN D 73 -13.71 5.44 39.48
N GLU D 87 -18.66 18.62 39.46
CA GLU D 87 -18.69 19.31 38.16
C GLU D 87 -17.28 19.81 37.81
N PRO D 88 -16.46 18.94 37.14
CA PRO D 88 -15.09 19.33 36.82
C PRO D 88 -15.00 20.53 35.88
N ASN D 89 -14.04 21.42 36.19
CA ASN D 89 -13.78 22.62 35.40
C ASN D 89 -12.30 23.05 35.50
N GLU D 90 -11.39 22.07 35.43
CA GLU D 90 -9.95 22.31 35.51
C GLU D 90 -9.39 22.53 34.10
N VAL D 91 -9.94 21.80 33.14
CA VAL D 91 -9.47 21.79 31.78
C VAL D 91 -10.53 22.22 30.76
N ILE D 93 -10.81 21.51 26.67
CA ILE D 93 -10.18 20.80 25.54
C ILE D 93 -10.62 21.39 24.22
N SER D 94 -9.68 22.01 23.49
CA SER D 94 -10.00 22.63 22.19
C SER D 94 -9.86 21.64 21.05
N LEU D 95 -10.82 21.70 20.12
CA LEU D 95 -10.91 20.85 18.96
C LEU D 95 -10.97 21.74 17.71
N GLY D 96 -9.89 21.70 16.91
CA GLY D 96 -9.76 22.47 15.69
C GLY D 96 -10.61 21.90 14.57
N VAL D 97 -11.41 22.75 13.93
CA VAL D 97 -12.33 22.40 12.85
C VAL D 97 -12.07 23.37 11.68
N ASN D 98 -12.13 22.88 10.44
CA ASN D 98 -11.83 23.72 9.26
C ASN D 98 -12.88 24.74 8.86
N THR D 99 -14.19 24.41 9.02
CA THR D 99 -15.25 25.31 8.58
C THR D 99 -16.32 25.49 9.65
N ASN D 100 -17.07 26.60 9.55
CA ASN D 100 -18.18 26.95 10.41
C ASN D 100 -19.31 25.91 10.26
N GLU D 101 -19.57 25.46 9.01
CA GLU D 101 -20.59 24.47 8.67
C GLU D 101 -20.32 23.13 9.38
N GLU D 102 -19.04 22.73 9.46
CA GLU D 102 -18.61 21.52 10.13
C GLU D 102 -18.82 21.63 11.65
N VAL D 103 -18.61 22.84 12.24
CA VAL D 103 -18.86 23.09 13.67
C VAL D 103 -20.34 22.87 13.96
N ASP D 104 -21.21 23.38 13.07
CA ASP D 104 -22.68 23.25 13.15
C ASP D 104 -23.10 21.76 13.12
N GLN D 105 -22.49 20.95 12.23
CA GLN D 105 -22.73 19.52 12.09
C GLN D 105 -22.28 18.78 13.36
N LEU D 106 -21.06 19.10 13.86
CA LEU D 106 -20.47 18.50 15.07
C LEU D 106 -21.29 18.77 16.32
N VAL D 107 -21.85 20.01 16.45
CA VAL D 107 -22.69 20.39 17.59
C VAL D 107 -23.97 19.54 17.63
N ASN D 108 -24.55 19.21 16.46
CA ASN D 108 -25.73 18.34 16.37
C ASN D 108 -25.37 16.90 16.72
N LYS D 109 -24.14 16.46 16.35
CA LYS D 109 -23.64 15.14 16.66
C LYS D 109 -23.45 14.98 18.18
N VAL D 110 -23.04 16.08 18.89
CA VAL D 110 -22.88 16.14 20.36
C VAL D 110 -24.25 15.89 21.02
N LYS D 111 -25.29 16.64 20.56
CA LYS D 111 -26.66 16.56 21.05
C LYS D 111 -27.23 15.14 20.90
N GLU D 112 -27.05 14.53 19.71
CA GLU D 112 -27.50 13.17 19.39
C GLU D 112 -26.75 12.09 20.19
N ALA D 113 -25.48 12.34 20.56
CA ALA D 113 -24.65 11.40 21.32
C ALA D 113 -24.84 11.49 22.85
N GLY D 114 -25.63 12.45 23.30
CA GLY D 114 -25.95 12.65 24.72
C GLY D 114 -25.16 13.70 25.47
N GLY D 115 -24.37 14.52 24.75
CA GLY D 115 -23.58 15.60 25.33
C GLY D 115 -24.41 16.85 25.56
N ALA D 116 -23.89 17.79 26.35
CA ALA D 116 -24.61 19.03 26.65
C ALA D 116 -23.93 20.23 26.01
N VAL D 117 -24.63 20.93 25.11
CA VAL D 117 -24.10 22.10 24.42
C VAL D 117 -24.32 23.35 25.28
N VAL D 118 -23.24 23.88 25.87
CA VAL D 118 -23.25 25.06 26.74
C VAL D 118 -23.30 26.35 25.90
N GLN D 119 -22.47 26.44 24.86
CA GLN D 119 -22.47 27.59 23.96
C GLN D 119 -22.72 27.07 22.55
N GLU D 120 -23.83 27.53 21.95
CA GLU D 120 -24.23 27.18 20.59
C GLU D 120 -23.26 27.88 19.59
N PRO D 121 -23.09 27.37 18.34
CA PRO D 121 -22.16 28.01 17.41
C PRO D 121 -22.31 29.52 17.25
N THR D 122 -21.20 30.25 17.48
CA THR D 122 -21.12 31.72 17.43
C THR D 122 -19.66 32.19 17.34
N VAL D 123 -19.45 33.48 17.02
CA VAL D 123 -18.12 34.09 16.97
C VAL D 123 -17.84 34.62 18.38
N SER D 124 -16.76 34.13 19.03
CA SER D 124 -16.33 34.53 20.37
C SER D 124 -14.81 34.61 20.38
N GLN D 125 -14.25 35.69 20.97
CA GLN D 125 -12.81 35.92 21.08
C GLN D 125 -12.08 35.82 19.71
N GLY D 126 -12.70 36.39 18.67
CA GLY D 126 -12.17 36.41 17.31
C GLY D 126 -12.22 35.10 16.54
N PHE D 127 -12.98 34.10 17.00
CA PHE D 127 -13.10 32.83 16.31
C PHE D 127 -14.52 32.31 16.35
N TYR D 128 -14.95 31.66 15.26
CA TYR D 128 -16.24 30.98 15.25
C TYR D 128 -16.00 29.65 15.99
N GLY D 129 -16.96 29.26 16.80
CA GLY D 129 -16.86 28.04 17.57
C GLY D 129 -18.07 27.78 18.45
N ALA D 130 -17.99 26.74 19.27
CA ALA D 130 -19.06 26.36 20.18
C ALA D 130 -18.45 25.63 21.36
N PHE D 132 -19.15 22.66 24.46
CA PHE D 132 -19.97 21.57 24.94
C PHE D 132 -19.30 20.83 26.09
N LYS D 133 -20.06 19.94 26.73
CA LYS D 133 -19.57 19.08 27.80
C LYS D 133 -19.81 17.63 27.39
N ASP D 134 -18.88 16.72 27.74
CA ASP D 134 -19.03 15.28 27.47
C ASP D 134 -20.01 14.67 28.50
N LEU D 135 -20.18 13.31 28.52
CA LEU D 135 -21.08 12.64 29.48
C LEU D 135 -20.69 12.85 30.96
N ASP D 136 -19.40 13.19 31.24
CA ASP D 136 -18.90 13.39 32.61
C ASP D 136 -18.58 14.87 32.98
N GLY D 137 -19.16 15.82 32.22
CA GLY D 137 -18.96 17.25 32.42
C GLY D 137 -17.63 17.81 31.93
N HIS D 138 -16.78 17.00 31.27
CA HIS D 138 -15.49 17.49 30.76
C HIS D 138 -15.76 18.50 29.63
N HIS D 139 -15.26 19.73 29.80
CA HIS D 139 -15.49 20.82 28.84
C HIS D 139 -14.63 20.70 27.58
N PHE D 140 -15.28 20.89 26.40
CA PHE D 140 -14.66 20.92 25.07
C PHE D 140 -15.16 22.13 24.28
N ASN D 141 -14.30 22.71 23.43
CA ASN D 141 -14.67 23.83 22.56
C ASN D 141 -14.21 23.60 21.15
N PHE D 142 -15.16 23.66 20.23
CA PHE D 142 -14.84 23.57 18.80
C PHE D 142 -14.34 24.95 18.42
N LEU D 143 -13.28 25.01 17.58
CA LEU D 143 -12.73 26.28 17.15
C LEU D 143 -12.41 26.21 15.65
N VAL D 144 -12.94 27.17 14.86
CA VAL D 144 -12.62 27.21 13.44
C VAL D 144 -11.29 27.95 13.31
N CYS D 145 -10.25 27.24 12.83
CA CYS D 145 -8.89 27.77 12.67
C CYS D 145 -8.13 27.09 11.52
N PHE E 18 -1.69 -14.78 1.29
CA PHE E 18 -2.42 -14.14 2.38
C PHE E 18 -2.64 -12.63 2.19
N GLN E 19 -1.58 -11.90 1.84
CA GLN E 19 -1.59 -10.45 1.70
C GLN E 19 -2.42 -9.86 0.57
N GLY E 20 -2.75 -8.58 0.71
CA GLY E 20 -3.52 -7.81 -0.25
C GLY E 20 -2.86 -7.81 -1.61
N ILE E 22 -4.25 -6.52 -4.43
CA ILE E 22 -4.57 -5.34 -5.24
C ILE E 22 -3.65 -4.21 -4.79
N GLN E 23 -2.81 -3.75 -5.72
CA GLN E 23 -1.78 -2.73 -5.46
C GLN E 23 -2.23 -1.31 -5.65
N SER E 24 -3.08 -1.06 -6.64
CA SER E 24 -3.50 0.29 -7.00
C SER E 24 -4.90 0.29 -7.56
N TRP E 26 -7.50 3.14 -9.88
CA TRP E 26 -7.73 4.39 -10.63
C TRP E 26 -8.99 4.30 -11.45
N PHE E 27 -9.49 5.46 -11.89
CA PHE E 27 -10.75 5.59 -12.60
C PHE E 27 -10.58 5.92 -14.07
N ASN E 28 -11.53 5.41 -14.88
CA ASN E 28 -11.64 5.66 -16.31
C ASN E 28 -13.04 6.18 -16.59
N LEU E 29 -13.14 7.32 -17.29
CA LEU E 29 -14.41 7.93 -17.68
C LEU E 29 -14.45 8.01 -19.20
N HIS E 30 -15.64 7.82 -19.78
CA HIS E 30 -15.79 7.94 -21.22
C HIS E 30 -16.04 9.40 -21.61
N VAL E 31 -15.44 9.85 -22.72
CA VAL E 31 -15.64 11.19 -23.25
C VAL E 31 -15.83 11.09 -24.75
N GLN E 32 -16.65 11.97 -25.32
CA GLN E 32 -16.87 11.92 -26.76
C GLN E 32 -15.67 12.47 -27.53
N ASP E 33 -15.13 13.60 -27.07
CA ASP E 33 -14.01 14.28 -27.71
C ASP E 33 -12.90 14.53 -26.70
N LEU E 34 -11.76 13.84 -26.86
CA LEU E 34 -10.60 13.93 -25.97
C LEU E 34 -10.01 15.31 -25.85
N GLU E 35 -9.83 16.01 -26.98
CA GLU E 35 -9.24 17.35 -27.03
C GLU E 35 -10.12 18.40 -26.37
N LYS E 36 -11.44 18.32 -26.59
CA LYS E 36 -12.41 19.22 -25.98
C LYS E 36 -12.45 19.01 -24.46
N SER E 37 -12.43 17.73 -24.03
CA SER E 37 -12.40 17.39 -22.61
C SER E 37 -11.10 17.84 -21.94
N ALA E 38 -9.93 17.61 -22.59
CA ALA E 38 -8.62 18.04 -22.07
C ALA E 38 -8.61 19.55 -21.87
N GLN E 39 -9.18 20.30 -22.83
CA GLN E 39 -9.30 21.76 -22.77
C GLN E 39 -10.20 22.22 -21.63
N PHE E 40 -11.28 21.48 -21.38
CA PHE E 40 -12.22 21.75 -20.29
C PHE E 40 -11.54 21.58 -18.90
N TYR E 41 -10.84 20.47 -18.69
CA TYR E 41 -10.15 20.21 -17.42
C TYR E 41 -8.93 21.11 -17.21
N LYS E 42 -8.23 21.47 -18.29
CA LYS E 42 -7.09 22.39 -18.26
C LYS E 42 -7.58 23.78 -17.77
N ALA E 43 -8.76 24.23 -18.26
CA ALA E 43 -9.36 25.51 -17.90
C ALA E 43 -9.73 25.57 -16.38
N LEU E 44 -9.98 24.39 -15.81
CA LEU E 44 -10.33 24.20 -14.40
C LEU E 44 -9.11 24.04 -13.48
N GLY E 45 -7.91 24.04 -14.06
CA GLY E 45 -6.66 23.94 -13.32
C GLY E 45 -6.11 22.54 -13.13
N PHE E 46 -6.65 21.56 -13.86
CA PHE E 46 -6.16 20.19 -13.77
C PHE E 46 -4.88 20.06 -14.56
N LYS E 47 -4.01 19.15 -14.11
CA LYS E 47 -2.79 18.82 -14.82
C LYS E 47 -3.22 17.79 -15.89
N ILE E 48 -2.84 18.04 -17.14
CA ILE E 48 -3.17 17.19 -18.28
C ILE E 48 -1.98 16.35 -18.67
N ASN E 49 -2.16 15.03 -18.69
CA ASN E 49 -1.11 14.09 -19.06
C ASN E 49 -1.48 13.33 -20.33
N ARG E 50 -0.60 13.39 -21.33
CA ARG E 50 -0.75 12.71 -22.61
C ARG E 50 0.50 11.83 -22.74
N ASN E 51 0.34 10.52 -22.54
CA ASN E 51 1.47 9.58 -22.59
C ASN E 51 1.60 8.88 -23.95
N PRO E 52 2.65 9.21 -24.77
CA PRO E 52 2.82 8.56 -26.09
C PRO E 52 3.25 7.10 -26.03
N GLN E 53 3.59 6.63 -24.81
CA GLN E 53 4.01 5.25 -24.51
C GLN E 53 2.82 4.28 -24.60
N LEU E 55 -0.83 2.48 -25.80
CA LEU E 55 -1.42 1.89 -27.00
C LEU E 55 -2.59 2.66 -27.66
N ASP E 56 -3.50 3.26 -26.87
CA ASP E 56 -4.70 3.93 -27.42
C ASP E 56 -4.84 5.45 -27.16
N LYS E 57 -5.96 6.07 -27.67
CA LYS E 57 -6.27 7.50 -27.48
C LYS E 57 -7.00 7.75 -26.16
N VAL E 59 -6.46 10.51 -22.36
CA VAL E 59 -5.86 11.66 -21.69
C VAL E 59 -6.00 11.44 -20.19
N GLY E 60 -4.96 11.78 -19.46
CA GLY E 60 -4.96 11.66 -18.02
C GLY E 60 -5.20 13.01 -17.39
N ILE E 61 -6.08 13.05 -16.41
CA ILE E 61 -6.34 14.27 -15.63
C ILE E 61 -5.96 13.97 -14.19
N GLN E 62 -5.41 14.99 -13.52
CA GLN E 62 -4.92 14.81 -12.17
C GLN E 62 -5.13 16.02 -11.27
N ILE E 63 -5.47 15.72 -10.00
CA ILE E 63 -5.59 16.65 -8.87
C ILE E 63 -4.79 15.95 -7.78
N GLY E 64 -3.65 16.54 -7.45
CA GLY E 64 -2.69 15.99 -6.50
C GLY E 64 -2.04 14.78 -7.13
N GLN E 65 -2.32 13.60 -6.58
CA GLN E 65 -1.80 12.33 -7.08
C GLN E 65 -2.98 11.42 -7.50
N THR E 66 -4.20 11.99 -7.53
CA THR E 66 -5.42 11.28 -7.94
C THR E 66 -5.58 11.42 -9.44
N THR E 67 -5.63 10.26 -10.11
CA THR E 67 -5.71 10.16 -11.57
C THR E 67 -6.96 9.53 -12.08
N VAL E 68 -7.51 10.20 -13.12
CA VAL E 68 -8.66 9.81 -13.91
C VAL E 68 -8.20 9.75 -15.36
N ILE E 69 -8.44 8.61 -16.02
CA ILE E 69 -8.12 8.45 -17.43
C ILE E 69 -9.40 8.67 -18.23
N LEU E 70 -9.34 9.59 -19.21
CA LEU E 70 -10.45 9.89 -20.09
C LEU E 70 -10.27 9.04 -21.32
N ILE E 71 -11.31 8.26 -21.67
CA ILE E 71 -11.27 7.31 -22.80
C ILE E 71 -12.35 7.69 -23.81
N GLU E 72 -11.99 7.75 -25.09
CA GLU E 72 -12.91 8.04 -26.18
C GLU E 72 -14.09 7.02 -26.13
N ASN E 73 -15.33 7.52 -26.28
CA ASN E 73 -16.61 6.79 -26.23
C ASN E 73 -16.66 5.41 -26.87
N LYS E 74 -16.31 5.31 -28.16
CA LYS E 74 -16.32 4.04 -28.89
C LYS E 74 -15.39 2.99 -28.29
N HIS E 75 -14.15 3.40 -27.93
CA HIS E 75 -13.19 2.50 -27.31
C HIS E 75 -13.64 2.06 -25.91
N PHE E 76 -14.25 2.98 -25.14
CA PHE E 76 -14.77 2.69 -23.80
C PHE E 76 -15.91 1.66 -23.90
N GLN E 77 -16.82 1.84 -24.87
CA GLN E 77 -17.97 0.96 -25.13
C GLN E 77 -17.49 -0.46 -25.50
N ASN E 78 -16.41 -0.56 -26.31
CA ASN E 78 -15.83 -1.85 -26.72
C ASN E 78 -15.18 -2.57 -25.53
N VAL E 79 -14.40 -1.84 -24.72
CA VAL E 79 -13.71 -2.42 -23.54
C VAL E 79 -14.73 -2.82 -22.45
N SER E 80 -15.76 -1.99 -22.20
CA SER E 80 -16.78 -2.28 -21.19
C SER E 80 -17.77 -3.34 -21.64
N GLN E 81 -17.85 -3.60 -22.97
CA GLN E 81 -18.73 -4.61 -23.61
C GLN E 81 -20.21 -4.31 -23.34
N GLN E 82 -20.52 -3.02 -23.19
CA GLN E 82 -21.86 -2.52 -22.85
C GLN E 82 -22.06 -1.13 -23.43
N SER E 83 -23.32 -0.80 -23.74
CA SER E 83 -23.68 0.51 -24.26
C SER E 83 -23.54 1.60 -23.18
N LEU E 84 -23.41 2.85 -23.63
CA LEU E 84 -23.29 4.00 -22.74
C LEU E 84 -24.67 4.46 -22.26
N ASN E 85 -24.72 5.18 -21.14
CA ASN E 85 -25.98 5.69 -20.58
C ASN E 85 -26.28 7.03 -21.20
N THR E 86 -27.57 7.28 -21.48
CA THR E 86 -28.07 8.54 -22.03
C THR E 86 -27.78 9.68 -21.04
N GLU E 87 -28.17 9.49 -19.76
CA GLU E 87 -27.96 10.47 -18.69
C GLU E 87 -27.11 9.79 -17.62
N PRO E 88 -25.76 9.79 -17.74
CA PRO E 88 -24.95 9.07 -16.74
C PRO E 88 -25.10 9.65 -15.34
N ASN E 89 -25.25 8.77 -14.34
CA ASN E 89 -25.38 9.12 -12.92
C ASN E 89 -24.92 7.98 -12.06
N GLU E 90 -23.77 7.38 -12.41
CA GLU E 90 -23.19 6.25 -11.67
C GLU E 90 -22.23 6.76 -10.61
N VAL E 91 -21.51 7.83 -10.96
CA VAL E 91 -20.49 8.39 -10.10
C VAL E 91 -20.74 9.88 -9.81
N ILE E 93 -18.06 12.87 -8.53
CA ILE E 93 -16.66 13.17 -8.24
C ILE E 93 -16.53 14.42 -7.37
N SER E 94 -16.05 14.25 -6.13
CA SER E 94 -15.91 15.37 -5.20
C SER E 94 -14.57 16.06 -5.36
N LEU E 95 -14.61 17.38 -5.25
CA LEU E 95 -13.42 18.23 -5.39
C LEU E 95 -13.35 19.14 -4.16
N GLY E 96 -12.37 18.88 -3.29
CA GLY E 96 -12.16 19.63 -2.06
C GLY E 96 -11.58 21.01 -2.34
N VAL E 97 -12.21 22.04 -1.77
CA VAL E 97 -11.84 23.45 -1.94
C VAL E 97 -11.76 24.07 -0.52
N ASN E 98 -10.79 24.96 -0.29
CA ASN E 98 -10.58 25.58 1.04
C ASN E 98 -11.59 26.63 1.46
N THR E 99 -12.07 27.47 0.53
CA THR E 99 -12.98 28.57 0.89
C THR E 99 -14.19 28.62 0.00
N ASN E 100 -15.28 29.24 0.49
CA ASN E 100 -16.53 29.47 -0.22
C ASN E 100 -16.29 30.37 -1.43
N GLU E 101 -15.44 31.41 -1.28
CA GLU E 101 -15.08 32.39 -2.30
C GLU E 101 -14.41 31.70 -3.49
N GLU E 102 -13.57 30.69 -3.23
CA GLU E 102 -12.90 29.88 -4.25
C GLU E 102 -13.89 29.01 -5.02
N VAL E 103 -14.89 28.42 -4.34
CA VAL E 103 -15.97 27.66 -4.99
C VAL E 103 -16.70 28.60 -5.97
N ASP E 104 -17.03 29.84 -5.55
CA ASP E 104 -17.69 30.86 -6.39
C ASP E 104 -16.86 31.17 -7.66
N GLN E 105 -15.54 31.26 -7.52
CA GLN E 105 -14.62 31.51 -8.64
C GLN E 105 -14.60 30.30 -9.58
N LEU E 106 -14.49 29.10 -9.01
CA LEU E 106 -14.42 27.84 -9.78
C LEU E 106 -15.70 27.59 -10.59
N VAL E 107 -16.87 27.91 -10.02
CA VAL E 107 -18.17 27.79 -10.69
C VAL E 107 -18.20 28.69 -11.97
N ASN E 108 -17.69 29.93 -11.89
CA ASN E 108 -17.63 30.81 -13.07
C ASN E 108 -16.65 30.25 -14.12
N LYS E 109 -15.57 29.61 -13.67
CA LYS E 109 -14.61 28.96 -14.55
C LYS E 109 -15.27 27.78 -15.31
N VAL E 110 -16.13 27.01 -14.65
CA VAL E 110 -16.88 25.89 -15.27
C VAL E 110 -17.81 26.44 -16.36
N LYS E 111 -18.60 27.48 -16.03
CA LYS E 111 -19.55 28.10 -16.95
C LYS E 111 -18.83 28.60 -18.20
N GLU E 112 -17.70 29.29 -18.01
CA GLU E 112 -16.86 29.83 -19.07
C GLU E 112 -16.16 28.74 -19.92
N ALA E 113 -15.94 27.53 -19.37
CA ALA E 113 -15.29 26.43 -20.08
C ALA E 113 -16.29 25.50 -20.81
N GLY E 114 -17.58 25.75 -20.64
CA GLY E 114 -18.63 24.98 -21.31
C GLY E 114 -19.31 23.90 -20.49
N GLY E 115 -19.10 23.89 -19.17
CA GLY E 115 -19.73 22.93 -18.28
C GLY E 115 -21.11 23.42 -17.85
N ALA E 116 -21.93 22.54 -17.29
CA ALA E 116 -23.27 22.91 -16.85
C ALA E 116 -23.35 22.88 -15.33
N VAL E 117 -23.69 24.00 -14.72
CA VAL E 117 -23.81 24.12 -13.27
C VAL E 117 -25.23 23.73 -12.86
N VAL E 118 -25.37 22.56 -12.24
CA VAL E 118 -26.64 21.98 -11.80
C VAL E 118 -27.09 22.65 -10.49
N GLN E 119 -26.16 22.80 -9.54
CA GLN E 119 -26.44 23.42 -8.26
C GLN E 119 -25.46 24.57 -8.07
N GLU E 120 -26.01 25.79 -8.02
CA GLU E 120 -25.25 27.02 -7.82
C GLU E 120 -24.68 27.01 -6.37
N PRO E 121 -23.58 27.74 -6.08
CA PRO E 121 -23.02 27.69 -4.71
C PRO E 121 -24.05 27.93 -3.59
N THR E 122 -24.10 26.98 -2.64
CA THR E 122 -25.03 26.97 -1.50
C THR E 122 -24.58 25.96 -0.46
N VAL E 123 -25.16 26.03 0.76
CA VAL E 123 -24.91 25.07 1.83
C VAL E 123 -25.91 23.91 1.64
N SER E 124 -25.40 22.68 1.44
CA SER E 124 -26.19 21.46 1.26
C SER E 124 -25.49 20.32 1.99
N GLN E 125 -26.26 19.47 2.72
CA GLN E 125 -25.73 18.31 3.49
C GLN E 125 -24.59 18.73 4.46
N GLY E 126 -24.74 19.89 5.10
CA GLY E 126 -23.76 20.42 6.06
C GLY E 126 -22.48 21.00 5.48
N PHE E 127 -22.43 21.24 4.17
CA PHE E 127 -21.24 21.80 3.55
C PHE E 127 -21.59 22.82 2.49
N TYR E 128 -20.77 23.89 2.37
CA TYR E 128 -20.92 24.84 1.29
C TYR E 128 -20.30 24.15 0.06
N GLY E 129 -20.97 24.29 -1.07
CA GLY E 129 -20.51 23.69 -2.30
C GLY E 129 -21.37 24.01 -3.49
N ALA E 130 -21.05 23.36 -4.61
CA ALA E 130 -21.75 23.53 -5.87
C ALA E 130 -21.60 22.22 -6.66
N PHE E 132 -21.72 20.41 -10.68
CA PHE E 132 -21.68 20.65 -12.10
C PHE E 132 -21.47 19.37 -12.89
N LYS E 133 -21.69 19.49 -14.22
CA LYS E 133 -21.47 18.41 -15.15
C LYS E 133 -20.38 18.82 -16.12
N ASP E 134 -19.49 17.87 -16.51
CA ASP E 134 -18.47 18.17 -17.51
C ASP E 134 -19.14 18.13 -18.90
N LEU E 135 -18.36 18.08 -20.00
CA LEU E 135 -18.91 18.07 -21.36
C LEU E 135 -19.69 16.80 -21.71
N ASP E 136 -19.53 15.73 -20.91
CA ASP E 136 -20.15 14.43 -21.15
C ASP E 136 -21.18 14.02 -20.09
N GLY E 137 -21.60 14.98 -19.27
CA GLY E 137 -22.59 14.77 -18.23
C GLY E 137 -22.07 14.16 -16.95
N HIS E 138 -20.74 14.04 -16.80
CA HIS E 138 -20.14 13.48 -15.58
C HIS E 138 -20.28 14.49 -14.45
N HIS E 139 -20.86 14.05 -13.31
CA HIS E 139 -21.17 14.89 -12.15
C HIS E 139 -19.96 15.09 -11.28
N PHE E 140 -19.75 16.35 -10.91
CA PHE E 140 -18.70 16.78 -10.00
C PHE E 140 -19.32 17.68 -8.97
N ASN E 141 -18.78 17.65 -7.75
CA ASN E 141 -19.27 18.55 -6.72
C ASN E 141 -18.11 19.21 -6.01
N PHE E 142 -18.10 20.55 -5.96
CA PHE E 142 -17.10 21.29 -5.19
C PHE E 142 -17.58 21.22 -3.75
N LEU E 143 -16.67 21.00 -2.81
CA LEU E 143 -17.02 20.89 -1.40
C LEU E 143 -16.02 21.67 -0.57
N VAL E 144 -16.49 22.60 0.30
CA VAL E 144 -15.61 23.35 1.18
C VAL E 144 -15.38 22.47 2.42
N CYS E 145 -14.14 22.03 2.62
CA CYS E 145 -13.74 21.14 3.72
C CYS E 145 -12.28 21.37 4.13
N ASN F 15 18.07 0.02 -7.12
CA ASN F 15 18.67 -0.60 -8.30
C ASN F 15 18.79 -2.13 -8.12
N LEU F 16 18.41 -2.89 -9.18
CA LEU F 16 18.40 -4.36 -9.22
C LEU F 16 19.68 -5.01 -8.67
N TYR F 17 20.87 -4.54 -9.14
CA TYR F 17 22.16 -5.09 -8.74
C TYR F 17 22.44 -4.87 -7.24
N PHE F 18 22.05 -3.69 -6.71
CA PHE F 18 22.26 -3.28 -5.32
C PHE F 18 21.26 -3.91 -4.36
N GLN F 19 19.95 -3.80 -4.67
CA GLN F 19 18.84 -4.37 -3.92
C GLN F 19 18.86 -5.93 -3.98
N GLY F 20 19.23 -6.47 -5.14
CA GLY F 20 19.25 -7.90 -5.34
C GLY F 20 17.89 -8.40 -5.79
N ILE F 22 15.95 -10.83 -4.08
CA ILE F 22 14.99 -11.14 -2.99
C ILE F 22 14.53 -9.81 -2.44
N GLN F 23 13.22 -9.53 -2.56
CA GLN F 23 12.59 -8.26 -2.16
C GLN F 23 12.15 -8.19 -0.73
N SER F 24 11.68 -9.33 -0.17
CA SER F 24 11.12 -9.34 1.17
C SER F 24 11.32 -10.67 1.83
N TRP F 26 9.54 -12.96 5.25
CA TRP F 26 8.57 -13.11 6.33
C TRP F 26 8.50 -14.55 6.80
N PHE F 27 7.94 -14.75 7.99
CA PHE F 27 7.86 -16.01 8.67
C PHE F 27 6.48 -16.59 8.72
N ASN F 28 6.43 -17.93 8.64
CA ASN F 28 5.21 -18.73 8.73
C ASN F 28 5.40 -19.75 9.84
N LEU F 29 4.48 -19.80 10.80
CA LEU F 29 4.54 -20.75 11.92
C LEU F 29 3.28 -21.58 11.88
N HIS F 30 3.37 -22.83 12.32
CA HIS F 30 2.21 -23.70 12.36
C HIS F 30 1.51 -23.60 13.73
N VAL F 31 0.19 -23.61 13.71
CA VAL F 31 -0.62 -23.57 14.94
C VAL F 31 -1.73 -24.61 14.80
N GLN F 32 -2.14 -25.23 15.91
CA GLN F 32 -3.21 -26.22 15.86
C GLN F 32 -4.58 -25.55 15.70
N ASP F 33 -4.83 -24.45 16.45
CA ASP F 33 -6.09 -23.73 16.45
C ASP F 33 -5.85 -22.25 16.22
N LEU F 34 -6.25 -21.73 15.04
CA LEU F 34 -6.06 -20.34 14.64
C LEU F 34 -6.69 -19.33 15.58
N GLU F 35 -7.95 -19.56 15.98
CA GLU F 35 -8.70 -18.66 16.87
C GLU F 35 -8.12 -18.59 18.28
N LYS F 36 -7.69 -19.74 18.83
CA LYS F 36 -7.05 -19.79 20.14
C LYS F 36 -5.70 -19.08 20.12
N SER F 37 -4.93 -19.27 19.04
CA SER F 37 -3.63 -18.60 18.86
C SER F 37 -3.81 -17.09 18.68
N ALA F 38 -4.78 -16.65 17.84
CA ALA F 38 -5.09 -15.23 17.62
C ALA F 38 -5.47 -14.57 18.95
N GLN F 39 -6.24 -15.27 19.81
CA GLN F 39 -6.65 -14.79 21.14
C GLN F 39 -5.43 -14.65 22.07
N PHE F 40 -4.45 -15.57 21.98
CA PHE F 40 -3.21 -15.54 22.78
C PHE F 40 -2.36 -14.31 22.42
N TYR F 41 -2.12 -14.10 21.13
CA TYR F 41 -1.34 -12.96 20.64
C TYR F 41 -2.01 -11.63 20.82
N LYS F 42 -3.36 -11.58 20.68
CA LYS F 42 -4.17 -10.38 20.92
C LYS F 42 -4.01 -9.94 22.38
N ALA F 43 -4.01 -10.92 23.33
CA ALA F 43 -3.86 -10.70 24.78
C ALA F 43 -2.49 -10.08 25.11
N LEU F 44 -1.50 -10.34 24.25
CA LEU F 44 -0.13 -9.85 24.38
C LEU F 44 0.09 -8.49 23.70
N GLY F 45 -0.95 -7.97 23.04
CA GLY F 45 -0.90 -6.67 22.37
C GLY F 45 -0.47 -6.69 20.92
N PHE F 46 -0.44 -7.87 20.28
CA PHE F 46 -0.10 -7.98 18.86
C PHE F 46 -1.28 -7.50 18.03
N LYS F 47 -1.02 -6.92 16.85
CA LYS F 47 -2.05 -6.53 15.91
C LYS F 47 -2.41 -7.81 15.15
N ILE F 48 -3.71 -8.15 15.12
CA ILE F 48 -4.19 -9.36 14.47
C ILE F 48 -4.81 -9.01 13.12
N ASN F 49 -4.30 -9.62 12.04
CA ASN F 49 -4.81 -9.40 10.68
C ASN F 49 -5.41 -10.68 10.12
N ARG F 50 -6.65 -10.57 9.66
CA ARG F 50 -7.40 -11.68 9.04
C ARG F 50 -7.76 -11.20 7.65
N ASN F 51 -7.06 -11.67 6.60
CA ASN F 51 -7.30 -11.21 5.23
C ASN F 51 -8.16 -12.21 4.43
N PRO F 52 -9.44 -11.86 4.13
CA PRO F 52 -10.31 -12.79 3.37
C PRO F 52 -9.99 -12.87 1.88
N LEU F 55 -6.03 -19.63 2.22
CA LEU F 55 -5.97 -18.17 2.26
C LEU F 55 -6.68 -17.62 3.50
N ASP F 56 -7.72 -18.32 3.98
CA ASP F 56 -8.55 -17.95 5.12
C ASP F 56 -8.35 -18.93 6.28
N LYS F 57 -7.35 -19.83 6.10
CA LYS F 57 -6.85 -20.84 7.02
C LYS F 57 -5.55 -20.27 7.63
N VAL F 59 -3.81 -16.52 9.95
CA VAL F 59 -3.92 -15.28 10.70
C VAL F 59 -2.54 -14.62 10.71
N GLY F 60 -2.53 -13.31 10.54
CA GLY F 60 -1.33 -12.53 10.57
C GLY F 60 -1.16 -11.86 11.91
N ILE F 61 0.05 -11.97 12.48
CA ILE F 61 0.40 -11.28 13.73
C ILE F 61 1.50 -10.31 13.38
N GLN F 62 1.47 -9.12 13.98
CA GLN F 62 2.44 -8.09 13.66
C GLN F 62 2.88 -7.26 14.86
N ILE F 63 4.18 -6.93 14.89
CA ILE F 63 4.80 -6.01 15.84
C ILE F 63 5.53 -5.04 14.96
N GLY F 64 5.13 -3.78 15.04
CA GLY F 64 5.64 -2.69 14.23
C GLY F 64 5.37 -3.00 12.78
N GLN F 65 6.41 -3.43 12.05
CA GLN F 65 6.29 -3.79 10.63
C GLN F 65 6.68 -5.22 10.34
N THR F 66 7.09 -5.97 11.38
CA THR F 66 7.51 -7.38 11.30
C THR F 66 6.27 -8.28 11.32
N THR F 67 6.16 -9.15 10.31
CA THR F 67 5.00 -10.02 10.09
C THR F 67 5.29 -11.50 10.20
N VAL F 68 4.38 -12.19 10.94
CA VAL F 68 4.39 -13.64 11.13
C VAL F 68 3.01 -14.15 10.74
N ILE F 69 2.97 -15.11 9.79
CA ILE F 69 1.72 -15.72 9.37
C ILE F 69 1.56 -17.03 10.12
N LEU F 70 0.43 -17.19 10.83
CA LEU F 70 0.11 -18.41 11.57
C LEU F 70 -0.73 -19.28 10.63
N ILE F 71 -0.26 -20.52 10.40
CA ILE F 71 -0.90 -21.44 9.46
C ILE F 71 -1.36 -22.67 10.23
N GLU F 72 -2.61 -23.10 9.97
CA GLU F 72 -3.18 -24.30 10.59
C GLU F 72 -2.28 -25.51 10.24
N ASN F 73 -2.00 -26.33 11.27
CA ASN F 73 -1.13 -27.52 11.24
C ASN F 73 -1.17 -28.38 9.97
N LYS F 74 -2.34 -28.88 9.57
CA LYS F 74 -2.50 -29.73 8.39
C LYS F 74 -2.08 -29.04 7.10
N HIS F 75 -2.48 -27.76 6.91
CA HIS F 75 -2.08 -26.98 5.74
C HIS F 75 -0.58 -26.72 5.71
N PHE F 76 0.01 -26.42 6.89
CA PHE F 76 1.44 -26.17 7.03
C PHE F 76 2.25 -27.45 6.65
N GLN F 77 1.80 -28.60 7.13
CA GLN F 77 2.39 -29.91 6.86
C GLN F 77 2.36 -30.22 5.34
N ASN F 78 1.25 -29.90 4.65
CA ASN F 78 1.09 -30.10 3.21
C ASN F 78 2.04 -29.20 2.40
N VAL F 79 2.11 -27.91 2.75
CA VAL F 79 2.97 -26.93 2.08
C VAL F 79 4.48 -27.22 2.35
N SER F 80 4.85 -27.57 3.60
CA SER F 80 6.25 -27.90 3.93
C SER F 80 6.68 -29.27 3.39
N GLN F 81 5.70 -30.15 3.03
CA GLN F 81 5.89 -31.51 2.49
C GLN F 81 6.65 -32.39 3.49
N GLN F 82 6.47 -32.11 4.80
CA GLN F 82 7.16 -32.81 5.87
C GLN F 82 6.32 -32.79 7.14
N SER F 83 6.49 -33.79 7.99
CA SER F 83 5.78 -33.89 9.27
C SER F 83 6.25 -32.80 10.26
N LEU F 84 5.39 -32.49 11.21
CA LEU F 84 5.68 -31.49 12.25
C LEU F 84 6.50 -32.11 13.38
N ASN F 85 7.17 -31.27 14.17
CA ASN F 85 7.94 -31.72 15.32
C ASN F 85 7.01 -31.78 16.52
N THR F 86 7.17 -32.81 17.37
CA THR F 86 6.41 -32.99 18.60
C THR F 86 6.70 -31.83 19.55
N GLU F 87 7.99 -31.53 19.77
CA GLU F 87 8.47 -30.44 20.62
C GLU F 87 9.31 -29.50 19.75
N PRO F 88 8.69 -28.53 19.05
CA PRO F 88 9.48 -27.64 18.17
C PRO F 88 10.50 -26.79 18.92
N ASN F 89 11.70 -26.67 18.35
CA ASN F 89 12.81 -25.89 18.91
C ASN F 89 13.77 -25.47 17.80
N GLU F 90 13.20 -25.01 16.67
CA GLU F 90 13.95 -24.57 15.51
C GLU F 90 14.25 -23.07 15.59
N VAL F 91 13.30 -22.34 16.15
CA VAL F 91 13.38 -20.90 16.21
C VAL F 91 13.20 -20.38 17.65
N ILE F 93 11.97 -16.57 19.00
CA ILE F 93 11.49 -15.24 18.59
C ILE F 93 11.71 -14.17 19.68
N SER F 94 12.58 -13.19 19.39
CA SER F 94 12.87 -12.13 20.36
C SER F 94 11.91 -10.98 20.26
N LEU F 95 11.51 -10.46 21.42
CA LEU F 95 10.56 -9.36 21.54
C LEU F 95 11.20 -8.27 22.39
N GLY F 96 11.51 -7.14 21.75
CA GLY F 96 12.14 -5.98 22.38
C GLY F 96 11.15 -5.21 23.25
N VAL F 97 11.54 -4.97 24.50
CA VAL F 97 10.74 -4.27 25.52
C VAL F 97 11.63 -3.15 26.12
N ASN F 98 11.06 -1.98 26.41
CA ASN F 98 11.80 -0.83 26.94
C ASN F 98 12.26 -0.90 28.39
N THR F 99 11.46 -1.48 29.29
CA THR F 99 11.81 -1.51 30.71
C THR F 99 11.64 -2.92 31.30
N ASN F 100 12.33 -3.16 32.42
CA ASN F 100 12.29 -4.40 33.19
C ASN F 100 10.89 -4.62 33.75
N GLU F 101 10.24 -3.55 34.24
CA GLU F 101 8.88 -3.63 34.80
C GLU F 101 7.82 -3.97 33.78
N GLU F 102 8.04 -3.60 32.52
CA GLU F 102 7.15 -3.97 31.41
C GLU F 102 7.30 -5.46 31.09
N VAL F 103 8.55 -6.02 31.16
CA VAL F 103 8.77 -7.48 30.95
C VAL F 103 8.03 -8.27 32.05
N ASP F 104 8.10 -7.78 33.32
CA ASP F 104 7.39 -8.37 34.45
C ASP F 104 5.87 -8.43 34.22
N GLN F 105 5.29 -7.32 33.70
CA GLN F 105 3.87 -7.21 33.35
C GLN F 105 3.51 -8.17 32.22
N LEU F 106 4.34 -8.19 31.15
CA LEU F 106 4.14 -9.04 29.97
C LEU F 106 4.17 -10.54 30.29
N VAL F 107 5.08 -10.96 31.18
CA VAL F 107 5.20 -12.36 31.64
C VAL F 107 3.92 -12.80 32.33
N ASN F 108 3.31 -11.91 33.15
CA ASN F 108 2.05 -12.20 33.82
C ASN F 108 0.91 -12.31 32.82
N LYS F 109 0.95 -11.48 31.74
CA LYS F 109 -0.02 -11.52 30.66
C LYS F 109 0.09 -12.84 29.89
N VAL F 110 1.33 -13.37 29.73
CA VAL F 110 1.62 -14.67 29.10
C VAL F 110 0.96 -15.79 29.90
N LYS F 111 1.18 -15.81 31.23
CA LYS F 111 0.60 -16.80 32.16
C LYS F 111 -0.93 -16.79 32.12
N GLU F 112 -1.56 -15.59 32.16
CA GLU F 112 -3.02 -15.41 32.11
C GLU F 112 -3.62 -15.82 30.75
N ALA F 113 -2.83 -15.73 29.65
CA ALA F 113 -3.29 -16.07 28.30
C ALA F 113 -3.14 -17.57 27.96
N GLY F 114 -2.51 -18.35 28.86
CA GLY F 114 -2.33 -19.79 28.70
C GLY F 114 -0.96 -20.24 28.21
N GLY F 115 0.00 -19.31 28.17
CA GLY F 115 1.38 -19.60 27.78
C GLY F 115 2.21 -20.20 28.91
N ALA F 116 3.35 -20.83 28.57
CA ALA F 116 4.20 -21.44 29.59
C ALA F 116 5.49 -20.65 29.71
N VAL F 117 5.75 -20.11 30.90
CA VAL F 117 6.95 -19.31 31.18
C VAL F 117 8.08 -20.26 31.60
N VAL F 118 9.05 -20.45 30.70
CA VAL F 118 10.21 -21.34 30.89
C VAL F 118 11.27 -20.66 31.80
N GLN F 119 11.54 -19.38 31.54
CA GLN F 119 12.49 -18.59 32.30
C GLN F 119 11.78 -17.35 32.83
N GLU F 120 11.68 -17.24 34.16
CA GLU F 120 11.07 -16.09 34.83
C GLU F 120 11.99 -14.86 34.65
N PRO F 121 11.46 -13.60 34.75
CA PRO F 121 12.34 -12.43 34.51
C PRO F 121 13.62 -12.42 35.33
N THR F 122 14.77 -12.27 34.61
CA THR F 122 16.12 -12.28 35.16
C THR F 122 17.12 -11.71 34.14
N VAL F 123 18.34 -11.40 34.59
CA VAL F 123 19.43 -10.95 33.71
C VAL F 123 20.14 -12.22 33.20
N SER F 124 20.16 -12.41 31.88
CA SER F 124 20.82 -13.55 31.21
C SER F 124 21.48 -13.03 29.96
N GLN F 125 22.74 -13.47 29.69
CA GLN F 125 23.50 -13.08 28.49
C GLN F 125 23.60 -11.54 28.31
N GLY F 126 23.80 -10.84 29.42
CA GLY F 126 23.94 -9.39 29.47
C GLY F 126 22.68 -8.57 29.28
N PHE F 127 21.51 -9.21 29.36
CA PHE F 127 20.25 -8.47 29.21
C PHE F 127 19.20 -8.98 30.18
N TYR F 128 18.34 -8.06 30.67
CA TYR F 128 17.20 -8.47 31.47
C TYR F 128 16.15 -8.98 30.48
N GLY F 129 15.48 -10.05 30.85
CA GLY F 129 14.47 -10.66 30.00
C GLY F 129 13.81 -11.87 30.62
N ALA F 130 12.97 -12.54 29.83
CA ALA F 130 12.23 -13.73 30.23
C ALA F 130 11.97 -14.56 28.97
N PHE F 132 9.43 -17.68 27.17
CA PHE F 132 8.16 -18.40 27.23
C PHE F 132 7.84 -19.16 25.96
N LYS F 133 6.79 -20.02 26.04
CA LYS F 133 6.28 -20.77 24.91
C LYS F 133 4.84 -20.36 24.68
N ASP F 134 4.41 -20.29 23.40
CA ASP F 134 3.01 -19.97 23.08
C ASP F 134 2.14 -21.25 23.27
N LEU F 135 0.91 -21.30 22.70
CA LEU F 135 0.04 -22.48 22.84
C LEU F 135 0.52 -23.71 22.07
N ASP F 136 1.42 -23.52 21.08
CA ASP F 136 1.94 -24.59 20.23
C ASP F 136 3.42 -24.90 20.48
N GLY F 137 3.96 -24.45 21.61
CA GLY F 137 5.35 -24.67 22.00
C GLY F 137 6.37 -23.77 21.31
N HIS F 138 5.91 -22.72 20.59
CA HIS F 138 6.85 -21.81 19.92
C HIS F 138 7.55 -20.94 20.98
N HIS F 139 8.89 -20.90 20.94
CA HIS F 139 9.73 -20.19 21.92
C HIS F 139 9.86 -18.70 21.60
N PHE F 140 9.65 -17.88 22.64
CA PHE F 140 9.79 -16.44 22.58
C PHE F 140 10.62 -15.96 23.75
N ASN F 141 11.33 -14.85 23.55
CA ASN F 141 12.09 -14.26 24.65
C ASN F 141 11.91 -12.76 24.68
N PHE F 142 11.47 -12.24 25.83
CA PHE F 142 11.37 -10.80 26.02
C PHE F 142 12.79 -10.31 26.31
N LEU F 143 13.18 -9.17 25.76
CA LEU F 143 14.53 -8.65 25.95
C LEU F 143 14.47 -7.15 26.17
N VAL F 144 15.05 -6.66 27.27
CA VAL F 144 15.08 -5.21 27.54
C VAL F 144 16.29 -4.65 26.78
N CYS F 145 16.00 -3.78 25.79
CA CYS F 145 17.01 -3.19 24.91
C CYS F 145 16.56 -1.79 24.40
#